data_3UMC
#
_entry.id   3UMC
#
_cell.length_a   73.424
_cell.length_b   123.867
_cell.length_c   125.599
_cell.angle_alpha   90.000
_cell.angle_beta   90.970
_cell.angle_gamma   90.000
#
_symmetry.space_group_name_H-M   'C 1 2 1'
#
loop_
_entity.id
_entity.type
_entity.pdbx_description
1 polymer 'haloacid dehalogenase'
2 non-polymer 'CHLORIDE ION'
3 non-polymer 'SODIUM ION'
4 water water
#
_entity_poly.entity_id   1
_entity_poly.type   'polypeptide(L)'
_entity_poly.pdbx_seq_one_letter_code
;(MSE)GSSHHHHHHSSGRENLYFQG(MSE)RAILFDVFGTLVDWRSSLIEQFQALERELGGTLPCVELTDRWRQQYKPA
(MSE)DRVRNGQAPWQHLDQLHRQSLEALAGEFGLALDEALLQRITGFWHRLRPWPDTLAG(MSE)HALKADYWLAALSN
GNTAL(MSE)LDVARHAGLPWD(MSE)LLCADLFGHYKPDPQVYLGACRLLDLPPQEV(MSE)LCAAHNYDLKAARALGL
KTAFIARPLEYGPGQSQDLAAEQDWDLIASDLLDLHRQLAASA
;
_entity_poly.pdbx_strand_id   A,B,C,D
#
# COMPACT_ATOMS: atom_id res chain seq x y z
N LEU A 17 32.10 -2.52 5.77
CA LEU A 17 32.23 -4.00 5.68
C LEU A 17 31.91 -4.80 6.97
N TYR A 18 31.34 -4.17 8.02
CA TYR A 18 31.03 -4.87 9.31
C TYR A 18 29.97 -6.01 9.17
N PHE A 19 28.93 -5.75 8.37
CA PHE A 19 28.06 -6.79 7.82
C PHE A 19 28.64 -7.03 6.40
N GLN A 20 27.98 -6.48 5.37
CA GLN A 20 28.36 -6.40 3.92
C GLN A 20 27.05 -6.39 3.09
N GLY A 21 26.02 -7.05 3.63
CA GLY A 21 24.66 -6.91 3.14
C GLY A 21 24.09 -5.51 3.38
N ARG A 23 22.90 -1.91 3.50
CA ARG A 23 23.07 -0.88 2.48
C ARG A 23 22.51 0.50 2.80
N ALA A 24 21.61 0.57 3.78
CA ALA A 24 20.95 1.81 4.12
C ALA A 24 20.84 1.94 5.62
N ILE A 25 20.94 3.16 6.12
CA ILE A 25 20.75 3.45 7.50
C ILE A 25 19.62 4.44 7.54
N LEU A 26 18.60 4.05 8.27
CA LEU A 26 17.50 4.93 8.59
C LEU A 26 17.82 5.56 9.94
N PHE A 27 17.45 6.80 10.09
CA PHE A 27 17.66 7.50 11.30
C PHE A 27 16.38 8.10 11.83
N ASP A 28 16.14 7.91 13.11
CA ASP A 28 15.30 8.81 13.89
C ASP A 28 15.93 10.20 13.94
N VAL A 29 15.16 11.30 14.06
CA VAL A 29 15.78 12.62 13.88
C VAL A 29 15.70 13.48 15.13
N PHE A 30 14.49 13.65 15.67
CA PHE A 30 14.34 14.32 16.96
C PHE A 30 15.04 13.61 18.10
N GLY A 31 15.95 14.32 18.75
CA GLY A 31 16.71 13.77 19.84
C GLY A 31 17.90 12.98 19.34
N THR A 32 17.67 12.02 18.46
CA THR A 32 18.78 11.21 17.94
C THR A 32 19.87 12.05 17.22
N LEU A 33 19.48 12.99 16.38
CA LEU A 33 20.39 13.76 15.56
C LEU A 33 20.38 15.25 15.94
N VAL A 34 19.24 15.77 16.46
CA VAL A 34 19.10 17.22 16.74
C VAL A 34 18.54 17.44 18.13
N ASP A 35 19.00 18.50 18.74
CA ASP A 35 18.63 18.86 20.12
C ASP A 35 17.47 19.80 20.06
N TRP A 36 16.27 19.25 20.08
CA TRP A 36 15.07 20.04 19.94
C TRP A 36 14.88 20.95 21.18
N ARG A 37 15.15 20.42 22.36
CA ARG A 37 14.83 21.11 23.59
C ARG A 37 15.60 22.44 23.70
N SER A 38 16.93 22.39 23.52
CA SER A 38 17.74 23.63 23.50
C SER A 38 17.25 24.64 22.44
N SER A 39 16.95 24.14 21.24
CA SER A 39 16.55 25.01 20.15
C SER A 39 15.20 25.65 20.42
N LEU A 40 14.27 24.92 21.00
CA LEU A 40 13.01 25.53 21.28
C LEU A 40 13.22 26.57 22.40
N ILE A 41 13.94 26.22 23.47
CA ILE A 41 14.13 27.15 24.58
C ILE A 41 14.68 28.46 24.05
N GLU A 42 15.72 28.35 23.26
CA GLU A 42 16.36 29.48 22.66
C GLU A 42 15.40 30.37 21.85
N GLN A 43 14.45 29.75 21.16
CA GLN A 43 13.61 30.49 20.27
C GLN A 43 12.53 31.21 21.11
N PHE A 44 12.02 30.55 22.12
CA PHE A 44 11.16 31.17 23.11
C PHE A 44 11.75 32.43 23.78
N GLN A 45 13.05 32.40 24.09
CA GLN A 45 13.77 33.51 24.73
C GLN A 45 14.04 34.69 23.80
N ALA A 46 14.23 34.41 22.51
CA ALA A 46 14.36 35.46 21.50
C ALA A 46 13.04 36.18 21.36
N LEU A 47 11.97 35.43 21.56
CA LEU A 47 10.64 35.94 21.52
C LEU A 47 10.33 36.79 22.76
N GLU A 48 10.71 36.27 23.93
CA GLU A 48 10.43 36.97 25.16
C GLU A 48 11.12 38.35 25.07
N ARG A 49 12.31 38.41 24.48
CA ARG A 49 13.03 39.66 24.32
C ARG A 49 12.35 40.66 23.39
N GLU A 50 11.59 40.15 22.42
CA GLU A 50 10.85 40.97 21.47
C GLU A 50 9.50 41.37 22.03
N LEU A 51 8.83 40.45 22.73
CA LEU A 51 7.56 40.79 23.37
C LEU A 51 7.85 41.66 24.60
N GLY A 52 6.85 41.83 25.47
CA GLY A 52 7.10 42.44 26.77
C GLY A 52 7.48 41.42 27.83
N GLY A 53 8.79 41.23 28.05
CA GLY A 53 9.22 40.50 29.24
C GLY A 53 8.87 39.02 29.25
N THR A 54 8.97 38.41 30.42
CA THR A 54 9.19 36.97 30.54
C THR A 54 8.13 36.01 29.99
N LEU A 55 8.64 34.94 29.38
CA LEU A 55 7.86 33.77 28.99
C LEU A 55 8.41 32.58 29.70
N PRO A 56 7.57 31.59 29.98
CA PRO A 56 7.99 30.33 30.57
C PRO A 56 8.49 29.29 29.52
N CYS A 57 9.69 29.57 29.01
CA CYS A 57 10.35 28.82 28.00
C CYS A 57 10.51 27.34 28.31
N VAL A 58 11.04 27.00 29.48
CA VAL A 58 11.31 25.62 29.77
C VAL A 58 10.03 24.82 29.88
N GLU A 59 9.07 25.37 30.62
CA GLU A 59 7.85 24.66 30.95
C GLU A 59 7.00 24.42 29.71
N LEU A 60 6.90 25.43 28.84
CA LEU A 60 6.24 25.32 27.54
C LEU A 60 6.88 24.24 26.66
N THR A 61 8.19 24.33 26.51
CA THR A 61 8.96 23.37 25.71
C THR A 61 8.72 21.96 26.20
N ASP A 62 8.88 21.74 27.50
CA ASP A 62 8.78 20.41 28.06
C ASP A 62 7.38 19.83 28.05
N ARG A 63 6.39 20.67 28.35
CA ARG A 63 5.01 20.24 28.28
C ARG A 63 4.57 19.95 26.82
N TRP A 64 5.03 20.76 25.88
CA TRP A 64 4.61 20.62 24.49
C TRP A 64 5.01 19.24 23.94
N ARG A 65 6.23 18.85 24.28
CA ARG A 65 6.78 17.59 23.83
C ARG A 65 5.96 16.41 24.32
N GLN A 66 5.25 16.58 25.43
CA GLN A 66 4.39 15.51 25.96
C GLN A 66 2.89 15.60 25.61
N GLN A 67 2.42 16.77 25.21
CA GLN A 67 0.98 17.11 25.22
C GLN A 67 0.20 16.43 24.11
N TYR A 68 0.89 16.17 22.99
CA TYR A 68 0.22 15.65 21.79
C TYR A 68 0.06 14.13 21.78
N LYS A 69 0.74 13.44 22.71
CA LYS A 69 0.75 11.97 22.70
C LYS A 69 -0.65 11.38 22.73
N PRO A 70 -1.43 11.58 23.84
CA PRO A 70 -2.87 11.20 23.79
C PRO A 70 -3.51 11.40 22.41
N ALA A 71 -3.28 12.58 21.81
CA ALA A 71 -3.72 12.86 20.41
C ALA A 71 -2.93 12.07 19.28
N ASP A 73 -1.47 8.83 19.81
CA ASP A 73 -2.17 7.57 20.06
C ASP A 73 -3.63 7.59 19.66
N ARG A 74 -4.26 8.74 19.81
CA ARG A 74 -5.63 8.91 19.28
C ARG A 74 -5.61 8.59 17.79
N VAL A 75 -4.68 9.18 17.04
CA VAL A 75 -4.55 8.95 15.60
C VAL A 75 -4.25 7.48 15.31
N ARG A 76 -3.28 6.94 16.04
CA ARG A 76 -2.83 5.56 15.90
C ARG A 76 -3.96 4.57 16.05
N ASN A 77 -4.78 4.78 17.08
CA ASN A 77 -5.83 3.82 17.43
C ASN A 77 -7.10 4.03 16.60
N GLY A 78 -7.07 5.01 15.69
CA GLY A 78 -8.19 5.29 14.78
C GLY A 78 -9.28 6.13 15.42
N GLN A 79 -9.15 6.37 16.71
CA GLN A 79 -10.04 7.24 17.46
C GLN A 79 -10.35 8.52 16.68
N ALA A 80 -9.30 9.13 16.12
CA ALA A 80 -9.40 10.38 15.38
C ALA A 80 -8.75 10.22 14.02
N PRO A 81 -9.07 11.11 13.06
CA PRO A 81 -8.49 10.95 11.70
C PRO A 81 -7.04 11.46 11.62
N TRP A 82 -6.37 11.13 10.51
CA TRP A 82 -4.97 11.45 10.28
C TRP A 82 -4.74 12.96 10.37
N GLN A 83 -3.78 13.35 11.21
CA GLN A 83 -3.18 14.67 11.14
C GLN A 83 -1.66 14.47 11.18
N HIS A 84 -0.94 15.32 10.47
CA HIS A 84 0.50 15.20 10.49
C HIS A 84 1.07 16.00 11.65
N LEU A 85 2.38 15.83 11.89
CA LEU A 85 2.99 16.34 13.12
C LEU A 85 2.90 17.85 13.25
N ASP A 86 3.07 18.60 12.15
CA ASP A 86 2.85 20.05 12.17
C ASP A 86 1.46 20.44 12.73
N GLN A 87 0.43 19.70 12.36
CA GLN A 87 -0.92 19.97 12.88
C GLN A 87 -1.03 19.63 14.33
N LEU A 88 -0.44 18.51 14.76
CA LEU A 88 -0.50 18.15 16.17
C LEU A 88 0.32 19.13 16.98
N HIS A 89 1.44 19.62 16.45
CA HIS A 89 2.16 20.69 17.13
C HIS A 89 1.31 21.96 17.29
N ARG A 90 0.57 22.30 16.23
CA ARG A 90 -0.31 23.48 16.26
C ARG A 90 -1.41 23.37 17.32
N GLN A 91 -2.21 22.31 17.23
CA GLN A 91 -3.22 21.97 18.23
C GLN A 91 -2.65 22.10 19.62
N SER A 92 -1.68 21.25 19.95
CA SER A 92 -1.15 21.18 21.31
C SER A 92 -0.68 22.54 21.82
N LEU A 93 -0.08 23.35 20.95
CA LEU A 93 0.34 24.69 21.32
C LEU A 93 -0.87 25.59 21.74
N GLU A 94 -1.98 25.50 21.00
CA GLU A 94 -3.18 26.28 21.34
C GLU A 94 -3.68 25.85 22.74
N ALA A 95 -3.76 24.55 22.96
CA ALA A 95 -4.31 24.01 24.19
C ALA A 95 -3.60 24.55 25.40
N LEU A 96 -2.29 24.78 25.31
CA LEU A 96 -1.58 25.20 26.51
C LEU A 96 -1.16 26.66 26.52
N ALA A 97 -1.31 27.36 25.40
CA ALA A 97 -1.35 28.81 25.42
C ALA A 97 -2.61 29.19 26.20
N GLY A 98 -3.63 28.34 26.11
CA GLY A 98 -4.80 28.45 26.97
C GLY A 98 -4.43 28.22 28.42
N GLU A 99 -4.23 26.96 28.80
CA GLU A 99 -3.85 26.65 30.17
C GLU A 99 -2.96 27.74 30.75
N PHE A 100 -1.82 28.00 30.12
CA PHE A 100 -0.82 28.95 30.62
C PHE A 100 -1.19 30.42 30.49
N GLY A 101 -2.27 30.71 29.77
CA GLY A 101 -2.85 32.03 29.76
C GLY A 101 -1.95 33.05 29.11
N LEU A 102 -1.47 32.71 27.92
CA LEU A 102 -0.95 33.71 26.99
C LEU A 102 -1.85 33.65 25.77
N ALA A 103 -2.24 34.82 25.26
CA ALA A 103 -3.10 34.91 24.09
C ALA A 103 -2.20 35.12 22.87
N LEU A 104 -2.50 34.42 21.78
CA LEU A 104 -1.66 34.47 20.60
C LEU A 104 -2.42 34.73 19.31
N ASP A 105 -2.01 35.77 18.56
CA ASP A 105 -2.55 35.98 17.21
C ASP A 105 -2.06 34.87 16.27
N GLU A 106 -2.88 34.54 15.28
CA GLU A 106 -2.48 33.58 14.26
C GLU A 106 -1.06 33.72 13.73
N ALA A 107 -0.57 34.94 13.56
CA ALA A 107 0.80 35.12 13.12
C ALA A 107 1.80 34.56 14.14
N LEU A 108 1.46 34.62 15.42
CA LEU A 108 2.35 34.10 16.47
C LEU A 108 2.20 32.60 16.61
N LEU A 109 0.99 32.08 16.55
CA LEU A 109 0.81 30.64 16.63
C LEU A 109 1.58 29.94 15.48
N GLN A 110 1.60 30.54 14.30
CA GLN A 110 2.25 29.95 13.15
C GLN A 110 3.73 29.98 13.37
N ARG A 111 4.21 31.12 13.87
CA ARG A 111 5.60 31.32 14.16
C ARG A 111 6.12 30.31 15.20
N ILE A 112 5.38 30.15 16.28
CA ILE A 112 5.84 29.29 17.38
C ILE A 112 5.84 27.81 16.98
N THR A 113 4.79 27.36 16.33
CA THR A 113 4.70 26.05 15.73
C THR A 113 5.88 25.68 14.81
N GLY A 114 6.45 26.68 14.15
CA GLY A 114 7.54 26.51 13.20
C GLY A 114 8.91 26.51 13.88
N PHE A 115 8.89 26.65 15.20
CA PHE A 115 10.08 26.50 16.04
C PHE A 115 10.73 25.14 15.85
N TRP A 116 9.89 24.14 15.71
CA TRP A 116 10.32 22.78 15.49
C TRP A 116 10.95 22.59 14.14
N HIS A 117 11.07 23.62 13.31
CA HIS A 117 11.54 23.49 11.97
C HIS A 117 12.99 23.91 11.88
N ARG A 118 13.52 24.44 12.99
CA ARG A 118 14.89 24.94 13.01
C ARG A 118 15.56 24.35 14.21
N LEU A 119 16.32 23.27 14.05
CA LEU A 119 16.84 22.58 15.22
C LEU A 119 18.30 22.31 15.11
N ARG A 120 19.04 22.52 16.21
CA ARG A 120 20.43 22.43 16.21
C ARG A 120 20.87 20.95 16.22
N PRO A 121 21.79 20.60 15.36
CA PRO A 121 22.41 19.27 15.37
C PRO A 121 23.30 19.05 16.63
N TRP A 122 23.37 17.84 17.20
CA TRP A 122 24.49 17.54 18.12
C TRP A 122 25.83 17.71 17.43
N PRO A 123 26.95 17.91 18.20
CA PRO A 123 28.28 18.19 17.64
C PRO A 123 28.81 17.17 16.67
N ASP A 124 28.33 15.92 16.80
CA ASP A 124 28.75 14.83 15.96
C ASP A 124 27.88 14.61 14.73
N THR A 125 26.69 15.19 14.73
CA THR A 125 25.70 14.72 13.76
C THR A 125 26.16 14.91 12.32
N LEU A 126 26.49 16.14 11.97
CA LEU A 126 26.90 16.50 10.62
C LEU A 126 28.10 15.70 10.14
N ALA A 127 29.11 15.63 10.97
CA ALA A 127 30.34 14.95 10.53
C ALA A 127 30.09 13.49 10.32
N GLY A 128 29.38 12.92 11.27
CA GLY A 128 29.11 11.51 11.26
C GLY A 128 28.22 11.15 10.07
N HIS A 130 28.14 12.72 7.22
CA HIS A 130 29.01 12.85 6.05
C HIS A 130 29.92 11.75 5.96
N ALA A 131 30.38 11.20 7.10
CA ALA A 131 31.18 9.99 7.04
C ALA A 131 30.39 8.74 6.54
N LEU A 132 29.24 8.50 7.14
CA LEU A 132 28.44 7.33 6.83
C LEU A 132 27.94 7.35 5.40
N LYS A 133 27.76 8.51 4.79
CA LYS A 133 27.08 8.58 3.50
C LYS A 133 27.91 7.94 2.36
N ALA A 134 29.21 7.80 2.60
CA ALA A 134 30.08 7.25 1.60
C ALA A 134 29.72 5.80 1.38
N ASP A 135 29.41 5.08 2.44
CA ASP A 135 29.18 3.68 2.32
C ASP A 135 27.69 3.26 2.33
N TYR A 136 26.76 4.17 2.67
CA TYR A 136 25.36 3.81 2.99
C TYR A 136 24.45 4.89 2.55
N TRP A 137 23.28 4.50 2.10
CA TRP A 137 22.24 5.44 1.88
C TRP A 137 21.80 5.90 3.26
N LEU A 138 21.50 7.16 3.36
CA LEU A 138 20.99 7.73 4.62
C LEU A 138 19.60 8.22 4.41
N ALA A 139 18.69 7.79 5.29
CA ALA A 139 17.31 8.29 5.20
C ALA A 139 16.72 8.60 6.57
N ALA A 140 15.96 9.68 6.64
CA ALA A 140 15.24 10.07 7.80
C ALA A 140 14.07 9.13 7.95
N LEU A 141 13.81 8.70 9.18
CA LEU A 141 12.60 7.97 9.53
C LEU A 141 11.94 8.64 10.69
N SER A 142 11.09 9.61 10.42
CA SER A 142 10.60 10.51 11.42
C SER A 142 9.08 10.55 11.49
N ASN A 143 8.59 10.82 12.70
CA ASN A 143 7.22 11.19 12.88
C ASN A 143 6.91 12.57 12.32
N GLY A 144 7.92 13.44 12.27
CA GLY A 144 7.80 14.67 11.53
C GLY A 144 7.32 14.47 10.12
N ASN A 145 6.37 15.28 9.67
CA ASN A 145 5.92 15.20 8.27
C ASN A 145 7.01 15.72 7.34
N THR A 146 6.89 15.32 6.09
CA THR A 146 7.89 15.55 5.09
C THR A 146 8.30 17.01 5.04
N ALA A 147 7.33 17.91 5.04
CA ALA A 147 7.63 19.34 4.86
C ALA A 147 8.40 19.90 6.07
N LEU A 148 8.04 19.45 7.27
CA LEU A 148 8.76 19.81 8.51
C LEU A 148 10.21 19.27 8.45
N LEU A 150 11.94 18.60 5.80
CA LEU A 150 12.69 19.33 4.79
C LEU A 150 13.35 20.59 5.36
N ASP A 151 12.59 21.35 6.16
CA ASP A 151 13.05 22.54 6.86
C ASP A 151 14.13 22.17 7.89
N VAL A 152 13.87 21.12 8.68
CA VAL A 152 14.91 20.67 9.64
C VAL A 152 16.20 20.29 8.95
N ALA A 153 16.08 19.57 7.82
CA ALA A 153 17.23 19.22 7.01
C ALA A 153 18.05 20.45 6.54
N ARG A 154 17.37 21.45 5.98
CA ARG A 154 18.06 22.59 5.41
C ARG A 154 18.70 23.47 6.50
N HIS A 155 18.04 23.63 7.63
CA HIS A 155 18.60 24.47 8.70
C HIS A 155 19.88 23.90 9.23
N ALA A 156 19.82 22.61 9.55
CA ALA A 156 20.94 21.88 10.12
C ALA A 156 21.98 21.40 9.14
N GLY A 157 21.71 21.38 7.84
CA GLY A 157 22.59 20.82 6.86
C GLY A 157 22.64 19.27 6.81
N LEU A 158 21.58 18.59 7.19
CA LEU A 158 21.59 17.14 7.14
C LEU A 158 21.63 16.61 5.68
N PRO A 159 22.63 15.83 5.32
CA PRO A 159 22.79 15.34 3.95
C PRO A 159 22.07 13.98 3.74
N TRP A 160 20.74 14.01 3.60
CA TRP A 160 19.90 12.86 3.38
C TRP A 160 19.95 12.42 1.91
N ASP A 161 19.95 11.13 1.68
CA ASP A 161 19.63 10.62 0.35
C ASP A 161 18.10 10.68 0.17
N LEU A 163 14.02 11.10 2.47
CA LEU A 163 13.28 11.31 3.69
C LEU A 163 12.06 10.34 3.63
N LEU A 164 11.88 9.58 4.71
CA LEU A 164 10.81 8.57 4.78
C LEU A 164 9.93 8.78 5.98
N CYS A 165 9.08 9.79 5.94
CA CYS A 165 8.38 10.26 7.12
C CYS A 165 6.99 9.62 7.22
N ALA A 166 6.38 9.81 8.37
CA ALA A 166 5.18 9.18 8.77
C ALA A 166 4.06 9.46 7.80
N ASP A 167 4.06 10.70 7.28
CA ASP A 167 3.03 11.06 6.32
C ASP A 167 3.18 10.41 4.96
N LEU A 168 4.26 9.68 4.65
CA LEU A 168 4.28 8.90 3.43
C LEU A 168 3.40 7.66 3.64
N PHE A 169 3.27 7.23 4.88
CA PHE A 169 2.70 5.93 5.19
C PHE A 169 1.37 6.04 5.91
N GLY A 170 1.05 7.21 6.42
CA GLY A 170 -0.17 7.38 7.21
C GLY A 170 -0.13 6.68 8.54
N HIS A 171 1.09 6.48 9.10
CA HIS A 171 1.28 5.86 10.40
C HIS A 171 2.40 6.56 11.16
N TYR A 172 2.30 6.64 12.50
CA TYR A 172 3.38 7.10 13.36
C TYR A 172 4.09 5.89 13.92
N LYS A 173 5.41 6.03 14.11
CA LYS A 173 6.21 4.98 14.71
C LYS A 173 5.63 4.79 16.10
N PRO A 174 5.73 3.58 16.66
CA PRO A 174 6.29 2.41 16.13
C PRO A 174 5.28 1.49 15.34
N ASP A 175 4.25 2.03 14.68
CA ASP A 175 3.44 1.16 13.82
C ASP A 175 4.40 0.52 12.84
N PRO A 176 4.22 -0.76 12.60
CA PRO A 176 5.11 -1.48 11.75
C PRO A 176 5.11 -0.99 10.29
N GLN A 177 4.04 -0.35 9.86
CA GLN A 177 3.93 0.17 8.53
C GLN A 177 5.06 1.15 8.17
N VAL A 178 5.59 1.85 9.17
CA VAL A 178 6.62 2.86 8.96
C VAL A 178 7.91 2.18 8.52
N TYR A 179 8.37 1.23 9.31
CA TYR A 179 9.60 0.51 9.04
C TYR A 179 9.47 -0.27 7.79
N LEU A 180 8.32 -0.91 7.61
CA LEU A 180 8.15 -1.75 6.44
C LEU A 180 8.04 -0.89 5.22
N GLY A 181 7.32 0.22 5.30
CA GLY A 181 7.23 1.13 4.16
C GLY A 181 8.59 1.69 3.72
N ALA A 182 9.43 2.04 4.69
CA ALA A 182 10.77 2.57 4.42
C ALA A 182 11.54 1.57 3.60
N CYS A 183 11.54 0.32 4.05
CA CYS A 183 12.27 -0.74 3.35
C CYS A 183 11.72 -1.02 1.99
N ARG A 184 10.40 -0.90 1.86
CA ARG A 184 9.73 -1.09 0.56
C ARG A 184 10.21 0.03 -0.37
N LEU A 185 10.19 1.28 0.08
CA LEU A 185 10.62 2.36 -0.83
C LEU A 185 12.12 2.30 -1.21
N LEU A 186 12.96 1.78 -0.30
CA LEU A 186 14.38 1.63 -0.58
C LEU A 186 14.65 0.36 -1.40
N ASP A 187 13.62 -0.47 -1.56
CA ASP A 187 13.68 -1.71 -2.28
C ASP A 187 14.73 -2.62 -1.65
N LEU A 188 14.69 -2.72 -0.31
CA LEU A 188 15.64 -3.57 0.43
C LEU A 188 14.93 -4.51 1.37
N PRO A 189 15.41 -5.75 1.53
CA PRO A 189 14.88 -6.51 2.63
C PRO A 189 15.32 -5.84 3.94
N PRO A 190 14.51 -5.95 5.00
CA PRO A 190 14.76 -5.44 6.35
C PRO A 190 16.15 -5.77 6.87
N GLN A 191 16.63 -6.97 6.62
CA GLN A 191 17.91 -7.36 7.13
C GLN A 191 19.04 -6.57 6.47
N GLU A 192 18.75 -5.88 5.37
CA GLU A 192 19.78 -5.04 4.75
C GLU A 192 19.66 -3.55 5.20
N VAL A 193 18.79 -3.29 6.15
CA VAL A 193 18.54 -1.93 6.60
C VAL A 193 18.76 -1.82 8.10
N LEU A 195 18.32 0.64 11.52
CA LEU A 195 17.81 1.81 12.15
C LEU A 195 18.79 2.27 13.20
N CYS A 196 19.11 3.56 13.14
CA CYS A 196 19.89 4.22 14.20
C CYS A 196 19.00 5.16 14.98
N ALA A 197 18.95 5.01 16.29
CA ALA A 197 18.11 5.84 17.14
C ALA A 197 18.66 6.00 18.53
N ALA A 198 18.22 7.05 19.21
CA ALA A 198 18.51 7.27 20.62
C ALA A 198 17.44 6.71 21.55
N HIS A 199 16.42 6.05 20.98
CA HIS A 199 15.26 5.66 21.83
C HIS A 199 15.03 4.15 21.65
N ASN A 200 15.08 3.44 22.77
CA ASN A 200 15.00 1.97 22.72
C ASN A 200 13.67 1.48 22.13
N TYR A 201 12.54 2.24 22.32
CA TYR A 201 11.24 1.79 21.83
C TYR A 201 11.26 1.66 20.31
N ASP A 202 12.02 2.53 19.65
CA ASP A 202 12.12 2.55 18.20
C ASP A 202 12.90 1.38 17.66
N LEU A 203 14.00 1.10 18.37
CA LEU A 203 14.90 0.05 18.01
C LEU A 203 14.18 -1.33 18.26
N LYS A 204 13.40 -1.39 19.30
CA LYS A 204 12.68 -2.64 19.65
C LYS A 204 11.69 -2.99 18.54
N ALA A 205 10.92 -1.98 18.08
CA ALA A 205 9.99 -2.19 16.96
C ALA A 205 10.70 -2.59 15.66
N ALA A 206 11.83 -1.95 15.32
CA ALA A 206 12.62 -2.26 14.10
C ALA A 206 13.18 -3.68 14.14
N ARG A 207 13.77 -4.03 15.29
CA ARG A 207 14.31 -5.41 15.45
C ARG A 207 13.24 -6.50 15.21
N ALA A 208 12.07 -6.31 15.76
CA ALA A 208 11.00 -7.31 15.60
C ALA A 208 10.58 -7.47 14.13
N LEU A 209 10.89 -6.50 13.25
CA LEU A 209 10.54 -6.62 11.86
C LEU A 209 11.73 -7.03 11.02
N GLY A 210 12.83 -7.42 11.66
CA GLY A 210 14.00 -7.96 10.97
C GLY A 210 15.09 -6.89 10.72
N LEU A 211 14.88 -5.65 11.14
CA LEU A 211 15.92 -4.61 10.92
C LEU A 211 17.15 -4.75 11.86
N LYS A 212 18.31 -4.35 11.36
CA LYS A 212 19.49 -4.18 12.21
C LYS A 212 19.28 -2.89 13.04
N THR A 213 19.99 -2.77 14.17
CA THR A 213 19.77 -1.73 15.13
C THR A 213 21.11 -1.14 15.63
N ALA A 214 21.14 0.19 15.70
CA ALA A 214 22.28 0.94 16.30
C ALA A 214 21.73 1.98 17.24
N PHE A 215 22.18 1.91 18.48
CA PHE A 215 21.75 2.78 19.56
C PHE A 215 22.86 3.82 19.86
N ILE A 216 22.47 5.08 19.92
CA ILE A 216 23.37 6.18 20.39
C ILE A 216 22.67 6.89 21.51
N ALA A 217 23.21 6.85 22.73
CA ALA A 217 22.61 7.55 23.82
C ALA A 217 22.69 9.04 23.66
N ARG A 218 21.62 9.76 23.99
CA ARG A 218 21.61 11.23 24.00
C ARG A 218 21.10 11.65 25.36
N PRO A 219 21.95 11.54 26.40
CA PRO A 219 21.48 11.73 27.78
C PRO A 219 21.02 13.15 28.14
N LEU A 220 21.19 14.13 27.23
CA LEU A 220 20.84 15.55 27.42
C LEU A 220 19.59 15.93 26.61
N GLU A 221 19.01 14.99 25.86
CA GLU A 221 17.87 15.35 25.03
C GLU A 221 16.77 16.09 25.84
N TYR A 222 16.46 15.55 27.02
CA TYR A 222 15.35 16.00 27.82
C TYR A 222 15.82 16.91 28.96
N GLY A 223 17.07 17.35 28.86
CA GLY A 223 17.71 18.20 29.86
C GLY A 223 18.42 17.44 30.98
N PRO A 224 19.01 18.18 31.94
CA PRO A 224 19.65 17.59 33.14
C PRO A 224 18.75 16.61 33.94
N GLY A 225 17.44 16.77 33.94
CA GLY A 225 16.55 15.72 34.58
C GLY A 225 16.50 14.28 33.99
N GLN A 226 16.96 14.08 32.75
CA GLN A 226 16.54 12.91 31.95
C GLN A 226 16.75 11.58 32.66
N SER A 227 15.72 10.76 32.59
CA SER A 227 15.76 9.44 33.17
C SER A 227 15.58 8.29 32.18
N GLN A 228 15.10 8.56 30.97
CA GLN A 228 14.79 7.54 29.98
C GLN A 228 15.92 7.43 28.94
N ASP A 229 16.13 6.19 28.46
CA ASP A 229 16.96 5.92 27.31
C ASP A 229 18.38 6.39 27.57
N LEU A 230 18.87 6.15 28.81
CA LEU A 230 20.23 6.46 29.20
C LEU A 230 21.16 5.37 28.69
N ALA A 231 20.63 4.19 28.48
CA ALA A 231 21.42 3.08 28.04
C ALA A 231 20.65 2.11 27.17
N ALA A 232 21.38 1.18 26.59
CA ALA A 232 20.78 0.16 25.74
C ALA A 232 20.04 -0.89 26.63
N GLU A 233 18.78 -1.12 26.27
CA GLU A 233 17.89 -2.04 26.97
C GLU A 233 17.86 -3.43 26.32
N GLN A 234 18.43 -3.54 25.13
CA GLN A 234 18.66 -4.84 24.49
C GLN A 234 20.04 -4.82 23.85
N ASP A 235 20.47 -5.96 23.38
CA ASP A 235 21.72 -6.11 22.73
C ASP A 235 21.65 -5.71 21.31
N TRP A 236 21.43 -4.40 21.11
CA TRP A 236 21.37 -3.84 19.76
C TRP A 236 22.62 -4.26 19.01
N ASP A 237 22.53 -4.36 17.68
CA ASP A 237 23.71 -4.79 16.83
C ASP A 237 24.98 -3.93 17.01
N LEU A 238 24.80 -2.61 16.95
CA LEU A 238 25.82 -1.65 17.31
C LEU A 238 25.31 -0.70 18.45
N ILE A 239 26.21 -0.42 19.42
CA ILE A 239 26.06 0.59 20.44
C ILE A 239 27.23 1.55 20.26
N ALA A 240 26.91 2.83 20.05
CA ALA A 240 27.95 3.78 19.65
C ALA A 240 27.82 5.03 20.49
N SER A 241 28.95 5.71 20.72
CA SER A 241 28.96 6.92 21.53
C SER A 241 28.46 8.10 20.74
N ASP A 242 28.63 8.08 19.43
CA ASP A 242 28.17 9.13 18.60
C ASP A 242 28.25 8.66 17.12
N LEU A 243 27.81 9.45 16.15
CA LEU A 243 27.74 8.96 14.77
C LEU A 243 29.04 8.68 14.13
N LEU A 244 30.11 9.36 14.56
CA LEU A 244 31.42 9.07 13.94
C LEU A 244 31.94 7.75 14.49
N ASP A 245 31.73 7.53 15.78
CA ASP A 245 32.03 6.24 16.39
C ASP A 245 31.20 5.09 15.76
N LEU A 246 29.97 5.37 15.33
CA LEU A 246 29.17 4.40 14.55
C LEU A 246 29.86 4.12 13.23
N HIS A 247 30.28 5.17 12.54
CA HIS A 247 31.11 4.99 11.36
C HIS A 247 32.40 4.17 11.60
N ARG A 248 33.16 4.50 12.64
CA ARG A 248 34.35 3.72 12.99
C ARG A 248 33.93 2.27 13.16
N GLN A 249 32.91 1.98 13.98
CA GLN A 249 32.58 0.56 14.24
C GLN A 249 32.10 -0.17 12.99
N LEU A 250 31.35 0.51 12.16
CA LEU A 250 30.92 -0.03 10.90
C LEU A 250 32.03 -0.33 9.90
N ALA A 251 33.05 0.52 9.78
CA ALA A 251 34.11 0.28 8.80
C ALA A 251 35.06 -0.81 9.23
N ALA A 252 35.14 -1.17 10.50
CA ALA A 252 36.14 -2.20 10.90
C ALA A 252 35.63 -3.58 10.55
N GLY B 21 -19.37 -22.69 -18.96
CA GLY B 21 -19.01 -21.56 -19.88
C GLY B 21 -18.54 -20.37 -19.08
N ARG B 23 -18.21 -18.76 -15.26
CA ARG B 23 -17.96 -19.38 -13.96
C ARG B 23 -18.22 -18.52 -12.72
N ALA B 24 -18.22 -17.21 -12.84
CA ALA B 24 -18.35 -16.36 -11.68
C ALA B 24 -19.31 -15.28 -12.03
N ILE B 25 -20.10 -14.86 -11.04
CA ILE B 25 -20.93 -13.65 -11.21
C ILE B 25 -20.45 -12.62 -10.23
N LEU B 26 -20.16 -11.44 -10.75
CA LEU B 26 -19.89 -10.31 -9.90
C LEU B 26 -21.19 -9.50 -9.80
N PHE B 27 -21.45 -8.99 -8.60
CA PHE B 27 -22.61 -8.13 -8.40
C PHE B 27 -22.24 -6.82 -7.77
N ASP B 28 -22.68 -5.75 -8.37
CA ASP B 28 -22.89 -4.54 -7.66
C ASP B 28 -23.89 -4.82 -6.52
N VAL B 29 -23.79 -4.08 -5.41
CA VAL B 29 -24.56 -4.40 -4.23
C VAL B 29 -25.56 -3.26 -3.88
N PHE B 30 -25.11 -2.05 -3.68
CA PHE B 30 -26.08 -0.95 -3.34
C PHE B 30 -26.97 -0.73 -4.54
N GLY B 31 -28.28 -0.83 -4.33
CA GLY B 31 -29.20 -0.62 -5.40
C GLY B 31 -29.44 -1.87 -6.20
N THR B 32 -28.37 -2.53 -6.68
CA THR B 32 -28.60 -3.76 -7.41
C THR B 32 -29.24 -4.87 -6.52
N LEU B 33 -28.75 -5.03 -5.30
CA LEU B 33 -29.19 -6.06 -4.45
C LEU B 33 -29.98 -5.59 -3.22
N VAL B 34 -29.64 -4.41 -2.73
CA VAL B 34 -30.17 -3.87 -1.49
C VAL B 34 -30.79 -2.48 -1.71
N ASP B 35 -31.88 -2.24 -1.01
CA ASP B 35 -32.64 -1.00 -1.03
C ASP B 35 -32.11 -0.05 0.03
N TRP B 36 -31.04 0.65 -0.32
CA TRP B 36 -30.36 1.47 0.65
C TRP B 36 -31.32 2.68 1.02
N ARG B 37 -32.07 3.20 0.06
CA ARG B 37 -32.95 4.35 0.30
C ARG B 37 -34.02 4.14 1.36
N SER B 38 -34.85 3.11 1.18
CA SER B 38 -35.85 2.80 2.23
C SER B 38 -35.19 2.51 3.58
N SER B 39 -34.12 1.70 3.59
CA SER B 39 -33.44 1.37 4.83
C SER B 39 -32.88 2.59 5.53
N LEU B 40 -32.34 3.53 4.78
CA LEU B 40 -31.83 4.73 5.40
C LEU B 40 -33.03 5.58 5.94
N ILE B 41 -34.06 5.76 5.13
CA ILE B 41 -35.25 6.53 5.54
C ILE B 41 -35.82 5.91 6.84
N GLU B 42 -36.04 4.59 6.85
CA GLU B 42 -36.54 3.90 8.06
C GLU B 42 -35.74 4.16 9.33
N GLN B 43 -34.42 4.21 9.22
CA GLN B 43 -33.55 4.36 10.39
C GLN B 43 -33.50 5.83 10.81
N PHE B 44 -33.66 6.73 9.86
CA PHE B 44 -33.88 8.13 10.20
C PHE B 44 -35.27 8.33 10.84
N GLN B 45 -36.25 7.52 10.46
CA GLN B 45 -37.56 7.59 11.09
C GLN B 45 -37.46 7.17 12.53
N ALA B 46 -36.83 6.03 12.82
CA ALA B 46 -36.65 5.58 14.20
C ALA B 46 -35.82 6.55 14.97
N LEU B 47 -34.96 7.30 14.30
CA LEU B 47 -34.18 8.25 15.03
C LEU B 47 -35.06 9.44 15.48
N GLU B 48 -36.09 9.75 14.70
CA GLU B 48 -36.90 10.95 15.00
C GLU B 48 -37.89 10.64 16.15
N ARG B 49 -38.53 9.48 16.09
CA ARG B 49 -39.39 9.01 17.17
C ARG B 49 -38.59 8.96 18.49
N GLU B 50 -37.29 8.71 18.39
CA GLU B 50 -36.40 8.61 19.54
C GLU B 50 -36.04 9.99 20.04
N LEU B 51 -35.78 10.91 19.10
CA LEU B 51 -35.41 12.31 19.43
C LEU B 51 -36.59 13.23 19.77
N GLY B 52 -37.83 12.76 19.57
CA GLY B 52 -39.06 13.52 19.81
C GLY B 52 -39.28 14.77 18.95
N GLY B 53 -39.65 14.57 17.70
CA GLY B 53 -39.79 15.70 16.79
C GLY B 53 -40.08 15.30 15.37
N THR B 54 -39.37 15.94 14.42
CA THR B 54 -39.37 15.53 12.99
C THR B 54 -37.97 15.68 12.43
N LEU B 55 -37.68 14.94 11.37
CA LEU B 55 -36.40 15.04 10.66
C LEU B 55 -36.62 14.97 9.17
N PRO B 56 -35.77 15.67 8.43
CA PRO B 56 -35.85 15.60 7.00
C PRO B 56 -35.24 14.26 6.51
N CYS B 57 -36.02 13.20 6.62
CA CYS B 57 -35.60 11.85 6.33
C CYS B 57 -35.20 11.66 4.88
N VAL B 58 -36.05 12.11 3.95
CA VAL B 58 -35.84 11.87 2.52
C VAL B 58 -34.78 12.81 1.98
N GLU B 59 -34.80 14.05 2.46
CA GLU B 59 -33.92 15.08 1.95
C GLU B 59 -32.47 14.80 2.46
N LEU B 60 -32.34 14.33 3.70
CA LEU B 60 -31.04 13.90 4.19
C LEU B 60 -30.48 12.69 3.42
N THR B 61 -31.31 11.65 3.23
CA THR B 61 -30.88 10.42 2.54
C THR B 61 -30.45 10.71 1.12
N ASP B 62 -31.21 11.54 0.42
CA ASP B 62 -30.93 11.77 -0.98
C ASP B 62 -29.74 12.68 -1.18
N ARG B 63 -29.60 13.69 -0.32
CA ARG B 63 -28.42 14.55 -0.38
C ARG B 63 -27.21 13.70 -0.02
N TRP B 64 -27.37 12.80 0.95
CA TRP B 64 -26.22 12.08 1.44
C TRP B 64 -25.64 11.34 0.27
N ARG B 65 -26.52 10.66 -0.46
CA ARG B 65 -26.17 9.93 -1.66
C ARG B 65 -25.71 10.78 -2.84
N GLN B 66 -26.22 12.01 -2.96
CA GLN B 66 -25.79 12.80 -4.10
C GLN B 66 -24.29 13.20 -3.96
N GLN B 67 -23.72 13.02 -2.78
CA GLN B 67 -22.26 13.28 -2.50
C GLN B 67 -21.29 12.11 -2.87
N TYR B 68 -21.89 10.98 -3.25
CA TYR B 68 -21.20 9.73 -3.44
C TYR B 68 -20.29 9.75 -4.66
N LYS B 69 -20.84 10.03 -5.82
CA LYS B 69 -20.03 10.10 -7.04
C LYS B 69 -18.99 11.23 -7.01
N PRO B 70 -19.33 12.41 -6.43
CA PRO B 70 -18.33 13.48 -6.36
C PRO B 70 -17.16 13.15 -5.44
N ALA B 71 -17.44 12.62 -4.26
CA ALA B 71 -16.37 12.28 -3.29
C ALA B 71 -15.44 11.25 -3.91
N ASP B 73 -15.11 10.82 -7.23
CA ASP B 73 -14.45 11.53 -8.32
C ASP B 73 -13.20 12.33 -7.83
N ARG B 74 -13.29 12.92 -6.65
CA ARG B 74 -12.19 13.65 -6.05
C ARG B 74 -11.01 12.74 -5.69
N VAL B 75 -11.31 11.52 -5.19
CA VAL B 75 -10.30 10.49 -4.99
C VAL B 75 -9.68 10.05 -6.34
N ARG B 76 -10.54 9.70 -7.29
CA ARG B 76 -10.14 9.20 -8.57
C ARG B 76 -9.27 10.15 -9.37
N ASN B 77 -9.62 11.41 -9.39
CA ASN B 77 -8.80 12.32 -10.15
C ASN B 77 -7.64 12.94 -9.34
N GLY B 78 -7.29 12.35 -8.18
CA GLY B 78 -6.16 12.82 -7.38
C GLY B 78 -6.37 14.03 -6.49
N GLN B 79 -7.51 14.68 -6.59
CA GLN B 79 -7.75 15.89 -5.82
C GLN B 79 -7.79 15.69 -4.32
N ALA B 80 -8.18 14.50 -3.84
CA ALA B 80 -8.16 14.19 -2.39
C ALA B 80 -7.41 12.86 -2.24
N PRO B 81 -6.91 12.57 -1.04
CA PRO B 81 -6.25 11.28 -0.88
C PRO B 81 -7.25 10.09 -0.72
N TRP B 82 -6.74 8.88 -0.91
CA TRP B 82 -7.50 7.68 -0.77
C TRP B 82 -8.20 7.67 0.58
N GLN B 83 -9.47 7.26 0.55
CA GLN B 83 -10.34 7.18 1.71
C GLN B 83 -11.36 6.12 1.28
N HIS B 84 -11.62 5.14 2.16
CA HIS B 84 -12.63 4.15 1.80
C HIS B 84 -14.06 4.69 2.03
N LEU B 85 -15.09 3.95 1.59
CA LEU B 85 -16.47 4.51 1.55
C LEU B 85 -17.00 4.91 2.91
N ASP B 86 -16.67 4.15 3.93
CA ASP B 86 -17.14 4.45 5.25
C ASP B 86 -16.64 5.81 5.68
N GLN B 87 -15.37 6.14 5.38
CA GLN B 87 -14.79 7.44 5.72
C GLN B 87 -15.45 8.52 4.86
N LEU B 88 -15.73 8.24 3.59
CA LEU B 88 -16.37 9.20 2.75
C LEU B 88 -17.75 9.49 3.23
N HIS B 89 -18.43 8.48 3.76
CA HIS B 89 -19.81 8.64 4.18
C HIS B 89 -19.82 9.55 5.39
N ARG B 90 -18.85 9.35 6.27
CA ARG B 90 -18.76 10.14 7.49
C ARG B 90 -18.38 11.58 7.15
N GLN B 91 -17.40 11.79 6.26
CA GLN B 91 -16.99 13.14 5.84
C GLN B 91 -18.15 13.91 5.17
N SER B 92 -18.91 13.25 4.30
CA SER B 92 -20.07 13.92 3.66
C SER B 92 -21.20 14.20 4.64
N LEU B 93 -21.38 13.35 5.65
CA LEU B 93 -22.44 13.55 6.68
C LEU B 93 -22.21 14.79 7.61
N GLU B 94 -20.98 14.97 8.08
CA GLU B 94 -20.64 16.18 8.84
C GLU B 94 -20.93 17.41 8.01
N ALA B 95 -20.48 17.42 6.77
CA ALA B 95 -20.81 18.54 5.88
C ALA B 95 -22.31 18.82 5.86
N LEU B 96 -23.11 17.81 5.58
CA LEU B 96 -24.57 17.97 5.56
C LEU B 96 -25.17 18.32 6.92
N ALA B 97 -24.55 17.91 8.01
CA ALA B 97 -25.06 18.25 9.33
C ALA B 97 -25.17 19.79 9.48
N GLY B 98 -24.06 20.50 9.23
CA GLY B 98 -24.05 21.97 9.32
C GLY B 98 -25.12 22.60 8.44
N GLU B 99 -25.06 22.28 7.16
CA GLU B 99 -26.03 22.76 6.19
C GLU B 99 -27.47 22.29 6.47
N PHE B 100 -27.69 21.61 7.57
CA PHE B 100 -29.05 21.31 7.98
C PHE B 100 -29.31 21.78 9.38
N GLY B 101 -28.35 22.51 9.93
CA GLY B 101 -28.47 23.03 11.28
C GLY B 101 -28.47 21.96 12.34
N LEU B 102 -28.49 20.69 11.93
CA LEU B 102 -28.41 19.60 12.89
C LEU B 102 -27.10 19.66 13.64
N ALA B 103 -27.19 19.36 14.93
CA ALA B 103 -26.02 19.28 15.77
C ALA B 103 -25.92 17.81 16.16
N LEU B 104 -24.77 17.23 15.86
CA LEU B 104 -24.53 15.79 16.05
C LEU B 104 -23.21 15.58 16.79
N ASP B 105 -23.29 14.98 17.98
CA ASP B 105 -22.08 14.65 18.70
C ASP B 105 -21.34 13.45 18.05
N GLU B 106 -20.10 13.23 18.49
CA GLU B 106 -19.34 12.10 18.00
C GLU B 106 -20.16 10.82 17.88
N ALA B 107 -20.80 10.43 18.99
CA ALA B 107 -21.53 9.16 19.07
C ALA B 107 -22.59 9.03 17.98
N LEU B 108 -23.22 10.14 17.66
CA LEU B 108 -24.36 10.15 16.78
C LEU B 108 -23.93 10.17 15.32
N LEU B 109 -22.76 10.75 15.07
CA LEU B 109 -22.14 10.77 13.76
C LEU B 109 -21.75 9.34 13.35
N GLN B 110 -21.13 8.62 14.29
CA GLN B 110 -20.75 7.22 14.07
C GLN B 110 -21.99 6.33 13.80
N ARG B 111 -22.98 6.50 14.66
CA ARG B 111 -24.18 5.75 14.55
C ARG B 111 -24.96 6.02 13.22
N ILE B 112 -24.99 7.27 12.79
CA ILE B 112 -25.71 7.58 11.58
C ILE B 112 -24.93 7.02 10.37
N THR B 113 -23.61 7.09 10.41
CA THR B 113 -22.73 6.61 9.34
C THR B 113 -22.96 5.08 9.16
N GLY B 114 -23.22 4.45 10.30
CA GLY B 114 -23.57 3.05 10.47
C GLY B 114 -24.85 2.62 9.83
N PHE B 115 -25.74 3.56 9.48
CA PHE B 115 -26.98 3.18 8.81
C PHE B 115 -26.72 2.43 7.51
N TRP B 116 -25.61 2.75 6.86
CA TRP B 116 -25.29 2.14 5.57
C TRP B 116 -24.89 0.69 5.68
N HIS B 117 -24.64 0.23 6.90
CA HIS B 117 -24.22 -1.10 7.21
C HIS B 117 -25.40 -2.07 7.40
N ARG B 118 -26.63 -1.54 7.43
CA ARG B 118 -27.87 -2.36 7.63
C ARG B 118 -28.89 -2.11 6.54
N LEU B 119 -28.77 -2.86 5.44
CA LEU B 119 -29.57 -2.58 4.29
C LEU B 119 -30.49 -3.72 3.91
N ARG B 120 -31.75 -3.38 3.65
CA ARG B 120 -32.76 -4.38 3.23
C ARG B 120 -32.56 -4.84 1.79
N PRO B 121 -32.48 -6.18 1.58
CA PRO B 121 -32.42 -6.71 0.25
C PRO B 121 -33.73 -6.45 -0.49
N TRP B 122 -33.69 -6.34 -1.81
CA TRP B 122 -34.93 -6.36 -2.55
C TRP B 122 -35.65 -7.70 -2.35
N PRO B 123 -36.94 -7.77 -2.69
CA PRO B 123 -37.71 -8.99 -2.37
C PRO B 123 -37.22 -10.28 -3.07
N ASP B 124 -36.63 -10.14 -4.23
CA ASP B 124 -36.09 -11.27 -4.98
C ASP B 124 -34.64 -11.66 -4.64
N THR B 125 -33.89 -10.83 -3.94
CA THR B 125 -32.39 -11.00 -3.87
C THR B 125 -31.88 -12.32 -3.24
N LEU B 126 -32.35 -12.57 -2.02
CA LEU B 126 -31.96 -13.75 -1.23
C LEU B 126 -32.35 -15.01 -1.91
N ALA B 127 -33.63 -15.15 -2.33
CA ALA B 127 -33.99 -16.38 -3.07
C ALA B 127 -33.18 -16.53 -4.38
N GLY B 128 -33.06 -15.43 -5.13
CA GLY B 128 -32.26 -15.47 -6.35
C GLY B 128 -30.82 -15.84 -6.12
N HIS B 130 -29.55 -17.67 -3.56
CA HIS B 130 -29.35 -19.04 -3.05
C HIS B 130 -29.50 -19.99 -4.22
N ALA B 131 -30.30 -19.62 -5.21
CA ALA B 131 -30.39 -20.39 -6.45
C ALA B 131 -29.12 -20.21 -7.36
N LEU B 132 -28.59 -19.00 -7.46
CA LEU B 132 -27.36 -18.81 -8.29
C LEU B 132 -26.07 -19.49 -7.77
N LYS B 133 -25.97 -19.63 -6.44
CA LYS B 133 -24.77 -20.11 -5.76
C LYS B 133 -24.40 -21.56 -6.13
N ALA B 134 -25.40 -22.43 -6.27
CA ALA B 134 -25.18 -23.80 -6.72
C ALA B 134 -24.39 -23.89 -8.01
N ASP B 135 -24.63 -22.96 -8.95
CA ASP B 135 -24.02 -22.99 -10.28
C ASP B 135 -22.80 -22.06 -10.53
N TYR B 136 -22.70 -20.97 -9.76
CA TYR B 136 -21.69 -19.92 -10.00
C TYR B 136 -21.07 -19.47 -8.69
N TRP B 137 -19.82 -19.08 -8.76
CA TRP B 137 -19.19 -18.38 -7.70
C TRP B 137 -19.88 -17.01 -7.67
N LEU B 138 -20.20 -16.53 -6.46
CA LEU B 138 -20.83 -15.24 -6.31
C LEU B 138 -19.91 -14.29 -5.60
N ALA B 139 -19.65 -13.14 -6.18
CA ALA B 139 -18.79 -12.14 -5.52
C ALA B 139 -19.25 -10.74 -5.63
N ALA B 140 -19.12 -10.01 -4.54
CA ALA B 140 -19.42 -8.58 -4.52
C ALA B 140 -18.31 -7.81 -5.27
N LEU B 141 -18.74 -6.87 -6.14
CA LEU B 141 -17.84 -5.96 -6.82
C LEU B 141 -18.34 -4.56 -6.50
N SER B 142 -17.88 -4.02 -5.39
CA SER B 142 -18.55 -2.90 -4.72
C SER B 142 -17.55 -1.72 -4.51
N ASN B 143 -18.07 -0.50 -4.63
CA ASN B 143 -17.39 0.66 -4.16
C ASN B 143 -17.34 0.68 -2.64
N GLY B 144 -18.24 -0.02 -1.97
CA GLY B 144 -18.21 -0.07 -0.54
C GLY B 144 -16.94 -0.83 -0.09
N ASN B 145 -16.38 -0.41 1.07
CA ASN B 145 -15.20 -1.10 1.60
C ASN B 145 -15.53 -2.46 2.20
N THR B 146 -14.48 -3.29 2.23
CA THR B 146 -14.62 -4.70 2.60
C THR B 146 -15.42 -4.85 3.87
N ALA B 147 -15.07 -4.09 4.90
CA ALA B 147 -15.75 -4.22 6.19
C ALA B 147 -17.22 -3.76 6.22
N LEU B 148 -17.51 -2.71 5.49
CA LEU B 148 -18.88 -2.31 5.22
C LEU B 148 -19.64 -3.42 4.48
N LEU B 150 -19.00 -6.66 4.47
CA LEU B 150 -19.19 -7.77 5.47
C LEU B 150 -20.40 -7.54 6.40
N ASP B 151 -20.53 -6.31 6.94
CA ASP B 151 -21.74 -5.92 7.70
C ASP B 151 -23.05 -6.05 6.88
N VAL B 152 -23.09 -5.47 5.69
CA VAL B 152 -24.24 -5.56 4.79
C VAL B 152 -24.58 -7.04 4.48
N ALA B 153 -23.57 -7.89 4.27
CA ALA B 153 -23.78 -9.33 4.00
C ALA B 153 -24.42 -10.03 5.17
N ARG B 154 -23.91 -9.73 6.35
CA ARG B 154 -24.37 -10.36 7.53
C ARG B 154 -25.80 -9.88 7.82
N HIS B 155 -26.04 -8.57 7.74
CA HIS B 155 -27.36 -8.06 8.15
C HIS B 155 -28.44 -8.67 7.24
N ALA B 156 -28.19 -8.63 5.95
CA ALA B 156 -29.12 -9.16 4.94
C ALA B 156 -29.09 -10.67 4.71
N GLY B 157 -28.04 -11.34 5.09
CA GLY B 157 -27.93 -12.79 4.82
C GLY B 157 -27.42 -13.06 3.39
N LEU B 158 -26.50 -12.27 2.90
CA LEU B 158 -26.06 -12.44 1.53
C LEU B 158 -24.96 -13.54 1.45
N PRO B 159 -25.17 -14.64 0.68
CA PRO B 159 -24.20 -15.77 0.71
C PRO B 159 -23.08 -15.59 -0.34
N TRP B 160 -22.09 -14.76 -0.04
CA TRP B 160 -20.95 -14.58 -0.98
C TRP B 160 -19.92 -15.69 -0.89
N ASP B 161 -19.23 -15.94 -1.98
CA ASP B 161 -18.03 -16.74 -1.99
C ASP B 161 -16.82 -15.86 -1.75
N LEU B 163 -15.44 -11.26 -1.70
CA LEU B 163 -15.80 -9.86 -1.81
C LEU B 163 -14.62 -9.17 -2.45
N LEU B 164 -14.88 -8.40 -3.51
CA LEU B 164 -13.93 -7.74 -4.30
C LEU B 164 -14.27 -6.23 -4.30
N CYS B 165 -13.85 -5.55 -3.25
CA CYS B 165 -14.30 -4.19 -2.95
C CYS B 165 -13.24 -3.14 -3.25
N ALA B 166 -13.66 -1.91 -3.38
CA ALA B 166 -12.75 -0.93 -3.86
C ALA B 166 -11.49 -0.79 -3.00
N ASP B 167 -11.57 -0.93 -1.65
CA ASP B 167 -10.37 -0.85 -0.81
C ASP B 167 -9.37 -1.96 -1.04
N LEU B 168 -9.71 -3.03 -1.75
CA LEU B 168 -8.72 -3.96 -2.26
C LEU B 168 -7.82 -3.33 -3.29
N PHE B 169 -8.40 -2.54 -4.21
CA PHE B 169 -7.70 -2.12 -5.38
C PHE B 169 -7.18 -0.71 -5.23
N GLY B 170 -7.57 0.02 -4.20
CA GLY B 170 -7.31 1.47 -4.18
C GLY B 170 -7.95 2.25 -5.36
N HIS B 171 -9.04 1.71 -5.95
CA HIS B 171 -9.78 2.36 -7.05
C HIS B 171 -11.30 2.17 -6.90
N TYR B 172 -12.07 3.19 -7.29
CA TYR B 172 -13.54 3.15 -7.29
C TYR B 172 -14.00 2.92 -8.69
N LYS B 173 -15.10 2.20 -8.85
CA LYS B 173 -15.66 1.98 -10.16
C LYS B 173 -15.94 3.38 -10.74
N PRO B 174 -15.85 3.55 -12.06
CA PRO B 174 -15.54 2.65 -13.17
C PRO B 174 -14.07 2.46 -13.57
N ASP B 175 -13.09 2.71 -12.69
CA ASP B 175 -11.64 2.54 -13.09
C ASP B 175 -11.46 1.10 -13.42
N PRO B 176 -10.72 0.79 -14.46
CA PRO B 176 -10.61 -0.55 -14.96
C PRO B 176 -9.88 -1.48 -14.07
N GLN B 177 -9.07 -0.89 -13.17
CA GLN B 177 -8.37 -1.66 -12.13
C GLN B 177 -9.36 -2.52 -11.29
N VAL B 178 -10.58 -2.02 -11.10
CA VAL B 178 -11.58 -2.77 -10.34
C VAL B 178 -11.97 -4.02 -11.02
N TYR B 179 -12.40 -3.91 -12.26
CA TYR B 179 -12.93 -5.07 -12.98
C TYR B 179 -11.81 -6.03 -13.33
N LEU B 180 -10.71 -5.49 -13.85
CA LEU B 180 -9.58 -6.36 -14.24
C LEU B 180 -8.94 -7.02 -13.02
N GLY B 181 -8.84 -6.29 -11.92
CA GLY B 181 -8.27 -6.87 -10.69
C GLY B 181 -9.14 -7.94 -10.13
N ALA B 182 -10.45 -7.71 -10.13
CA ALA B 182 -11.35 -8.77 -9.74
C ALA B 182 -11.14 -9.96 -10.60
N CYS B 183 -11.07 -9.81 -11.91
CA CYS B 183 -10.92 -11.02 -12.73
C CYS B 183 -9.57 -11.78 -12.46
N ARG B 184 -8.50 -11.03 -12.23
CA ARG B 184 -7.17 -11.62 -11.90
C ARG B 184 -7.23 -12.46 -10.66
N LEU B 185 -7.80 -11.92 -9.58
CA LEU B 185 -7.92 -12.63 -8.30
C LEU B 185 -8.76 -13.88 -8.35
N LEU B 186 -9.76 -13.86 -9.23
CA LEU B 186 -10.57 -15.03 -9.48
C LEU B 186 -9.86 -15.97 -10.48
N ASP B 187 -8.82 -15.51 -11.16
CA ASP B 187 -8.01 -16.39 -12.05
C ASP B 187 -8.89 -16.80 -13.18
N LEU B 188 -9.65 -15.84 -13.68
CA LEU B 188 -10.54 -16.10 -14.81
C LEU B 188 -10.32 -15.01 -15.83
N PRO B 189 -10.31 -15.34 -17.12
CA PRO B 189 -10.28 -14.27 -18.07
C PRO B 189 -11.64 -13.53 -18.04
N PRO B 190 -11.68 -12.26 -18.45
CA PRO B 190 -12.91 -11.47 -18.43
C PRO B 190 -14.16 -12.11 -19.06
N GLN B 191 -13.98 -12.79 -20.18
CA GLN B 191 -15.09 -13.34 -20.92
C GLN B 191 -15.76 -14.50 -20.15
N GLU B 192 -15.08 -15.08 -19.17
CA GLU B 192 -15.71 -16.06 -18.30
C GLU B 192 -16.31 -15.48 -16.98
N VAL B 193 -16.58 -14.17 -16.96
CA VAL B 193 -17.07 -13.49 -15.75
C VAL B 193 -18.16 -12.52 -16.13
N LEU B 195 -20.73 -9.44 -14.85
CA LEU B 195 -21.17 -8.47 -13.85
C LEU B 195 -22.66 -8.30 -13.97
N CYS B 196 -23.36 -8.35 -12.83
CA CYS B 196 -24.78 -8.13 -12.76
C CYS B 196 -25.02 -6.82 -12.06
N ALA B 197 -25.66 -5.84 -12.69
CA ALA B 197 -25.89 -4.58 -12.01
C ALA B 197 -27.16 -3.88 -12.46
N ALA B 198 -27.64 -2.96 -11.64
CA ALA B 198 -28.78 -2.09 -11.99
C ALA B 198 -28.36 -0.81 -12.64
N HIS B 199 -27.05 -0.62 -12.90
CA HIS B 199 -26.53 0.66 -13.36
C HIS B 199 -25.84 0.45 -14.66
N ASN B 200 -26.36 1.12 -15.70
CA ASN B 200 -25.80 1.05 -17.03
C ASN B 200 -24.28 1.50 -17.08
N TYR B 201 -23.87 2.43 -16.24
CA TYR B 201 -22.47 2.97 -16.34
C TYR B 201 -21.54 1.82 -15.96
N ASP B 202 -22.00 0.94 -15.04
CA ASP B 202 -21.17 -0.06 -14.42
C ASP B 202 -20.97 -1.15 -15.48
N LEU B 203 -22.05 -1.52 -16.19
CA LEU B 203 -21.97 -2.57 -17.18
C LEU B 203 -21.22 -2.10 -18.46
N LYS B 204 -21.38 -0.84 -18.80
CA LYS B 204 -20.63 -0.25 -19.88
C LYS B 204 -19.11 -0.41 -19.68
N ALA B 205 -18.65 -0.01 -18.50
CA ALA B 205 -17.24 -0.16 -18.16
C ALA B 205 -16.89 -1.64 -18.19
N ALA B 206 -17.72 -2.51 -17.62
CA ALA B 206 -17.35 -3.92 -17.65
C ALA B 206 -17.29 -4.46 -19.07
N ARG B 207 -18.30 -4.15 -19.85
CA ARG B 207 -18.37 -4.74 -21.19
C ARG B 207 -17.11 -4.35 -21.98
N ALA B 208 -16.71 -3.11 -21.85
CA ALA B 208 -15.56 -2.59 -22.62
C ALA B 208 -14.27 -3.35 -22.29
N LEU B 209 -14.23 -3.99 -21.11
CA LEU B 209 -13.07 -4.75 -20.68
C LEU B 209 -13.25 -6.23 -20.97
N GLY B 210 -14.30 -6.59 -21.71
CA GLY B 210 -14.54 -7.98 -22.11
C GLY B 210 -15.38 -8.84 -21.15
N LEU B 211 -15.90 -8.27 -20.10
CA LEU B 211 -16.82 -9.03 -19.19
C LEU B 211 -18.20 -9.23 -19.79
N LYS B 212 -18.89 -10.30 -19.41
CA LYS B 212 -20.28 -10.49 -19.75
C LYS B 212 -21.12 -9.55 -18.85
N THR B 213 -22.32 -9.15 -19.29
CA THR B 213 -23.17 -8.22 -18.57
C THR B 213 -24.61 -8.73 -18.36
N ALA B 214 -25.13 -8.51 -17.15
CA ALA B 214 -26.57 -8.71 -16.82
C ALA B 214 -27.16 -7.47 -16.13
N PHE B 215 -28.19 -6.87 -16.72
CA PHE B 215 -28.88 -5.69 -16.20
C PHE B 215 -30.26 -6.08 -15.54
N ILE B 216 -30.47 -5.58 -14.33
CA ILE B 216 -31.77 -5.71 -13.60
C ILE B 216 -32.15 -4.30 -13.22
N ALA B 217 -33.19 -3.78 -13.85
CA ALA B 217 -33.76 -2.47 -13.52
C ALA B 217 -34.22 -2.44 -12.09
N ARG B 218 -33.81 -1.41 -11.36
CA ARG B 218 -34.34 -1.22 -10.03
C ARG B 218 -34.91 0.18 -10.05
N PRO B 219 -36.16 0.34 -10.58
CA PRO B 219 -36.73 1.66 -10.85
C PRO B 219 -37.15 2.38 -9.60
N LEU B 220 -37.14 1.73 -8.46
CA LEU B 220 -37.43 2.44 -7.20
C LEU B 220 -36.21 2.73 -6.29
N GLU B 221 -35.00 2.50 -6.80
CA GLU B 221 -33.81 2.64 -5.99
C GLU B 221 -33.75 4.08 -5.42
N TYR B 222 -33.98 5.05 -6.28
CA TYR B 222 -34.01 6.43 -5.83
C TYR B 222 -35.42 6.96 -5.57
N GLY B 223 -36.39 6.07 -5.36
CA GLY B 223 -37.78 6.50 -5.15
C GLY B 223 -38.52 6.81 -6.47
N PRO B 224 -39.77 7.32 -6.37
CA PRO B 224 -40.66 7.67 -7.49
C PRO B 224 -40.03 8.52 -8.54
N GLY B 225 -39.24 9.52 -8.13
CA GLY B 225 -38.61 10.46 -9.08
C GLY B 225 -37.33 10.04 -9.78
N GLN B 226 -36.92 8.78 -9.59
CA GLN B 226 -35.69 8.25 -10.20
C GLN B 226 -35.62 8.68 -11.66
N SER B 227 -34.48 9.21 -12.07
CA SER B 227 -34.32 9.78 -13.39
C SER B 227 -33.08 9.23 -14.12
N GLN B 228 -32.66 8.01 -13.76
CA GLN B 228 -31.80 7.19 -14.64
C GLN B 228 -31.97 5.70 -14.33
N ASP B 229 -31.40 4.86 -15.19
CA ASP B 229 -31.39 3.39 -15.11
C ASP B 229 -32.77 2.80 -14.97
N LEU B 230 -33.73 3.36 -15.69
CA LEU B 230 -35.08 2.74 -15.75
C LEU B 230 -35.09 1.57 -16.74
N ALA B 231 -34.14 1.54 -17.66
CA ALA B 231 -34.07 0.50 -18.64
C ALA B 231 -32.64 0.30 -19.16
N ALA B 232 -32.43 -0.73 -19.96
CA ALA B 232 -31.16 -1.04 -20.56
C ALA B 232 -30.85 -0.09 -21.70
N GLU B 233 -29.62 0.46 -21.66
CA GLU B 233 -29.13 1.42 -22.66
C GLU B 233 -28.11 0.79 -23.60
N GLN B 234 -27.72 -0.47 -23.41
CA GLN B 234 -27.06 -1.24 -24.48
C GLN B 234 -27.73 -2.62 -24.48
N ASP B 235 -27.43 -3.44 -25.47
CA ASP B 235 -27.94 -4.83 -25.48
C ASP B 235 -27.08 -5.73 -24.62
N TRP B 236 -27.15 -5.52 -23.31
CA TRP B 236 -26.38 -6.35 -22.37
C TRP B 236 -26.66 -7.83 -22.62
N ASP B 237 -25.76 -8.74 -22.24
CA ASP B 237 -25.97 -10.13 -22.57
C ASP B 237 -27.25 -10.72 -21.96
N LEU B 238 -27.62 -10.36 -20.73
CA LEU B 238 -28.94 -10.73 -20.21
C LEU B 238 -29.60 -9.48 -19.67
N ILE B 239 -30.90 -9.39 -19.91
CA ILE B 239 -31.75 -8.43 -19.26
C ILE B 239 -32.75 -9.24 -18.45
N ALA B 240 -32.82 -8.93 -17.16
CA ALA B 240 -33.64 -9.70 -16.28
C ALA B 240 -34.40 -8.81 -15.36
N SER B 241 -35.55 -9.30 -14.85
CA SER B 241 -36.50 -8.50 -14.08
C SER B 241 -36.20 -8.51 -12.60
N ASP B 242 -35.45 -9.52 -12.20
CA ASP B 242 -35.05 -9.74 -10.79
C ASP B 242 -34.10 -10.90 -10.78
N LEU B 243 -33.49 -11.20 -9.64
CA LEU B 243 -32.47 -12.25 -9.62
C LEU B 243 -32.99 -13.63 -9.90
N LEU B 244 -34.30 -13.82 -9.72
CA LEU B 244 -34.86 -15.13 -9.92
C LEU B 244 -34.92 -15.43 -11.38
N ASP B 245 -35.45 -14.47 -12.12
CA ASP B 245 -35.48 -14.46 -13.56
C ASP B 245 -34.04 -14.59 -14.13
N LEU B 246 -33.09 -13.95 -13.45
CA LEU B 246 -31.68 -14.06 -13.87
C LEU B 246 -31.31 -15.53 -13.85
N HIS B 247 -31.58 -16.20 -12.74
CA HIS B 247 -31.23 -17.62 -12.60
C HIS B 247 -31.95 -18.52 -13.63
N ARG B 248 -33.24 -18.28 -13.83
CA ARG B 248 -34.04 -18.95 -14.85
C ARG B 248 -33.42 -18.75 -16.27
N GLN B 249 -33.05 -17.51 -16.63
CA GLN B 249 -32.44 -17.30 -17.97
C GLN B 249 -31.15 -18.05 -18.12
N LEU B 250 -30.32 -18.04 -17.08
CA LEU B 250 -29.05 -18.74 -17.10
C LEU B 250 -29.25 -20.24 -17.19
N ALA B 251 -30.25 -20.74 -16.44
CA ALA B 251 -30.59 -22.17 -16.44
C ALA B 251 -31.01 -22.62 -17.86
N ALA B 252 -31.74 -21.79 -18.56
CA ALA B 252 -32.26 -22.18 -19.86
C ALA B 252 -31.15 -22.26 -20.93
N SER B 253 -30.19 -21.34 -20.83
CA SER B 253 -29.07 -21.24 -21.76
C SER B 253 -27.89 -22.21 -21.52
N ALA B 254 -27.79 -22.77 -20.30
CA ALA B 254 -26.67 -23.67 -19.92
C ALA B 254 -27.00 -25.12 -20.30
N GLY C 21 5.08 33.21 -3.43
CA GLY C 21 4.21 32.70 -4.54
C GLY C 21 4.80 31.46 -5.25
N ARG C 23 7.61 28.07 -4.11
CA ARG C 23 8.39 27.55 -3.00
C ARG C 23 9.15 26.25 -3.32
N ALA C 24 8.82 25.58 -4.43
CA ALA C 24 9.42 24.31 -4.74
C ALA C 24 9.45 24.09 -6.20
N ILE C 25 10.53 23.47 -6.68
CA ILE C 25 10.65 23.02 -8.02
C ILE C 25 10.76 21.51 -8.09
N LEU C 26 9.84 20.94 -8.86
CA LEU C 26 9.82 19.52 -9.14
C LEU C 26 10.48 19.38 -10.50
N PHE C 27 11.32 18.38 -10.64
CA PHE C 27 12.06 18.10 -11.82
C PHE C 27 11.79 16.68 -12.27
N ASP C 28 11.36 16.57 -13.49
CA ASP C 28 11.60 15.41 -14.29
C ASP C 28 13.12 15.16 -14.39
N VAL C 29 13.53 13.91 -14.44
CA VAL C 29 14.93 13.60 -14.27
C VAL C 29 15.57 13.03 -15.57
N PHE C 30 15.07 11.92 -16.05
CA PHE C 30 15.64 11.32 -17.26
C PHE C 30 15.38 12.29 -18.39
N GLY C 31 16.43 12.67 -19.07
CA GLY C 31 16.22 13.55 -20.16
C GLY C 31 16.34 14.95 -19.76
N THR C 32 15.48 15.40 -18.86
CA THR C 32 15.48 16.77 -18.47
C THR C 32 16.81 17.21 -17.80
N LEU C 33 17.38 16.33 -16.99
CA LEU C 33 18.56 16.62 -16.17
C LEU C 33 19.76 15.79 -16.57
N VAL C 34 19.54 14.54 -17.00
CA VAL C 34 20.63 13.61 -17.21
C VAL C 34 20.45 13.01 -18.61
N ASP C 35 21.57 12.83 -19.27
CA ASP C 35 21.66 12.38 -20.65
C ASP C 35 21.79 10.87 -20.59
N TRP C 36 20.64 10.18 -20.49
CA TRP C 36 20.62 8.72 -20.37
C TRP C 36 21.11 8.00 -21.60
N ARG C 37 20.78 8.53 -22.77
CA ARG C 37 21.21 7.88 -24.02
C ARG C 37 22.70 7.72 -24.06
N SER C 38 23.45 8.83 -23.96
CA SER C 38 24.92 8.76 -24.05
C SER C 38 25.50 7.89 -22.97
N SER C 39 24.82 7.84 -21.82
CA SER C 39 25.37 7.15 -20.67
C SER C 39 25.25 5.65 -20.89
N LEU C 40 24.09 5.20 -21.41
CA LEU C 40 23.87 3.77 -21.67
C LEU C 40 24.81 3.26 -22.82
N ILE C 41 24.93 4.05 -23.87
CA ILE C 41 25.73 3.66 -25.04
C ILE C 41 27.17 3.52 -24.60
N GLU C 42 27.69 4.55 -23.92
CA GLU C 42 29.01 4.56 -23.26
C GLU C 42 29.27 3.30 -22.39
N GLN C 43 28.30 2.85 -21.61
CA GLN C 43 28.48 1.70 -20.76
C GLN C 43 28.43 0.42 -21.58
N PHE C 44 27.58 0.43 -22.62
CA PHE C 44 27.61 -0.66 -23.62
C PHE C 44 28.97 -0.77 -24.32
N GLN C 45 29.55 0.34 -24.74
CA GLN C 45 30.93 0.29 -25.28
C GLN C 45 31.90 -0.34 -24.28
N ALA C 46 32.03 0.20 -23.07
CA ALA C 46 32.94 -0.40 -22.08
C ALA C 46 32.72 -1.92 -21.86
N LEU C 47 31.47 -2.36 -21.89
CA LEU C 47 31.17 -3.79 -21.73
C LEU C 47 31.73 -4.62 -22.91
N GLU C 48 31.77 -4.02 -24.10
CA GLU C 48 32.39 -4.64 -25.27
C GLU C 48 33.87 -4.86 -24.97
N ARG C 49 34.58 -3.77 -24.67
CA ARG C 49 36.03 -3.78 -24.35
C ARG C 49 36.45 -4.68 -23.15
N GLU C 50 35.49 -5.39 -22.53
CA GLU C 50 35.74 -6.40 -21.48
C GLU C 50 35.40 -7.82 -21.91
N LEU C 51 34.36 -7.95 -22.72
CA LEU C 51 33.81 -9.25 -23.07
C LEU C 51 34.49 -9.81 -24.32
N GLY C 52 33.99 -10.96 -24.76
CA GLY C 52 34.31 -11.50 -26.07
C GLY C 52 33.21 -11.16 -27.08
N GLY C 53 33.61 -10.57 -28.21
CA GLY C 53 32.68 -10.17 -29.27
C GLY C 53 32.25 -8.71 -29.20
N THR C 54 31.23 -8.38 -29.99
CA THR C 54 30.60 -7.07 -29.97
C THR C 54 29.08 -7.21 -29.73
N LEU C 55 28.47 -6.15 -29.20
CA LEU C 55 27.02 -6.09 -28.88
C LEU C 55 26.32 -5.10 -29.82
N PRO C 56 25.00 -5.19 -29.91
CA PRO C 56 24.23 -4.15 -30.58
C PRO C 56 23.94 -3.00 -29.60
N CYS C 57 24.96 -2.18 -29.37
CA CYS C 57 24.98 -1.16 -28.31
C CYS C 57 23.98 -0.05 -28.56
N VAL C 58 24.12 0.60 -29.71
CA VAL C 58 23.31 1.74 -30.05
C VAL C 58 21.90 1.22 -30.31
N GLU C 59 21.82 0.20 -31.15
CA GLU C 59 20.54 -0.42 -31.39
C GLU C 59 19.82 -0.74 -30.10
N LEU C 60 20.47 -1.43 -29.17
CA LEU C 60 19.80 -1.85 -27.92
C LEU C 60 19.27 -0.65 -27.11
N THR C 61 20.12 0.34 -26.88
CA THR C 61 19.72 1.51 -26.11
C THR C 61 18.43 2.06 -26.70
N ASP C 62 18.40 2.27 -28.01
CA ASP C 62 17.22 2.89 -28.66
C ASP C 62 15.95 2.09 -28.64
N ARG C 63 16.03 0.78 -28.52
CA ARG C 63 14.83 -0.05 -28.47
C ARG C 63 14.32 -0.25 -27.05
N TRP C 64 15.21 -0.06 -26.08
CA TRP C 64 14.90 -0.40 -24.69
C TRP C 64 13.67 0.40 -24.14
N ARG C 65 13.60 1.70 -24.37
CA ARG C 65 12.47 2.49 -23.78
C ARG C 65 11.20 2.06 -24.43
N GLN C 66 11.24 1.95 -25.76
CA GLN C 66 10.02 1.57 -26.46
C GLN C 66 9.63 0.23 -25.91
N GLN C 67 10.62 -0.63 -25.68
CA GLN C 67 10.31 -2.00 -25.21
C GLN C 67 9.41 -2.09 -23.99
N TYR C 68 9.67 -1.25 -22.97
CA TYR C 68 8.84 -1.39 -21.75
C TYR C 68 7.50 -0.61 -21.86
N LYS C 69 7.38 0.26 -22.83
CA LYS C 69 6.18 1.10 -22.90
C LYS C 69 4.87 0.33 -22.76
N PRO C 70 4.74 -0.84 -23.48
CA PRO C 70 3.57 -1.70 -23.30
C PRO C 70 3.36 -2.15 -21.90
N ALA C 71 4.44 -2.57 -21.23
CA ALA C 71 4.36 -3.03 -19.85
C ALA C 71 3.80 -1.93 -18.92
N ASP C 73 2.04 0.95 -19.87
CA ASP C 73 0.62 1.16 -20.29
C ASP C 73 -0.28 0.13 -19.64
N ARG C 74 0.20 -1.09 -19.46
CA ARG C 74 -0.56 -2.16 -18.77
C ARG C 74 -0.60 -2.08 -17.28
N VAL C 75 0.47 -1.51 -16.68
CA VAL C 75 0.37 -1.16 -15.27
C VAL C 75 -0.64 -0.02 -15.15
N ARG C 76 -0.57 0.96 -16.03
CA ARG C 76 -1.40 2.14 -15.86
C ARG C 76 -2.86 1.80 -16.08
N ASN C 77 -3.13 1.16 -17.22
CA ASN C 77 -4.50 0.84 -17.54
C ASN C 77 -5.06 -0.39 -16.79
N GLY C 78 -4.35 -0.91 -15.78
CA GLY C 78 -4.85 -2.02 -14.96
C GLY C 78 -4.73 -3.42 -15.59
N GLN C 79 -4.29 -3.49 -16.84
CA GLN C 79 -4.20 -4.80 -17.56
C GLN C 79 -3.05 -5.68 -16.99
N ALA C 80 -2.15 -5.02 -16.27
CA ALA C 80 -1.12 -5.69 -15.50
C ALA C 80 -1.08 -5.01 -14.13
N PRO C 81 -0.36 -5.63 -13.17
CA PRO C 81 -0.16 -5.15 -11.79
C PRO C 81 1.21 -4.40 -11.56
N TRP C 82 1.31 -3.72 -10.42
CA TRP C 82 2.37 -2.71 -10.17
C TRP C 82 3.72 -3.35 -10.28
N GLN C 83 4.47 -2.87 -11.25
CA GLN C 83 5.88 -3.14 -11.36
C GLN C 83 6.54 -1.76 -11.37
N HIS C 84 7.71 -1.66 -10.75
CA HIS C 84 8.43 -0.41 -10.87
C HIS C 84 9.46 -0.39 -11.97
N LEU C 85 10.03 0.79 -12.21
CA LEU C 85 10.76 1.02 -13.42
C LEU C 85 11.93 0.06 -13.50
N ASP C 86 12.56 -0.16 -12.36
CA ASP C 86 13.65 -1.10 -12.30
C ASP C 86 13.24 -2.46 -12.82
N GLN C 87 12.14 -2.98 -12.31
CA GLN C 87 11.64 -4.27 -12.72
C GLN C 87 11.35 -4.20 -14.23
N LEU C 88 10.65 -3.15 -14.66
CA LEU C 88 10.34 -2.99 -16.08
C LEU C 88 11.57 -2.97 -17.01
N HIS C 89 12.64 -2.27 -16.61
CA HIS C 89 13.89 -2.28 -17.31
C HIS C 89 14.45 -3.71 -17.44
N ARG C 90 14.37 -4.45 -16.35
CA ARG C 90 14.83 -5.84 -16.35
C ARG C 90 14.02 -6.74 -17.30
N GLN C 91 12.69 -6.70 -17.22
CA GLN C 91 11.86 -7.57 -18.02
C GLN C 91 12.02 -7.21 -19.50
N SER C 92 12.11 -5.89 -19.79
CA SER C 92 12.26 -5.44 -21.12
C SER C 92 13.60 -5.89 -21.67
N LEU C 93 14.69 -5.73 -20.92
CA LEU C 93 16.01 -6.16 -21.43
C LEU C 93 16.02 -7.66 -21.75
N GLU C 94 15.39 -8.45 -20.90
CA GLU C 94 15.43 -9.87 -21.10
C GLU C 94 14.83 -10.15 -22.46
N ALA C 95 13.66 -9.56 -22.72
CA ALA C 95 13.00 -9.62 -24.03
C ALA C 95 13.91 -9.16 -25.16
N LEU C 96 14.64 -8.07 -24.99
CA LEU C 96 15.59 -7.65 -26.02
C LEU C 96 16.75 -8.66 -26.22
N ALA C 97 17.11 -9.36 -25.16
CA ALA C 97 18.15 -10.39 -25.22
C ALA C 97 17.66 -11.55 -26.11
N GLY C 98 16.49 -12.05 -25.81
CA GLY C 98 15.85 -13.06 -26.65
C GLY C 98 15.89 -12.64 -28.10
N GLU C 99 15.38 -11.45 -28.42
CA GLU C 99 15.31 -11.01 -29.82
C GLU C 99 16.69 -11.14 -30.48
N PHE C 100 17.67 -10.38 -30.00
CA PHE C 100 19.02 -10.33 -30.58
C PHE C 100 19.91 -11.57 -30.35
N GLY C 101 19.36 -12.67 -29.88
CA GLY C 101 20.11 -13.92 -29.76
C GLY C 101 21.00 -14.02 -28.52
N LEU C 102 21.23 -12.90 -27.83
CA LEU C 102 22.25 -12.76 -26.79
C LEU C 102 22.08 -13.73 -25.63
N ALA C 103 23.14 -14.41 -25.26
CA ALA C 103 23.10 -15.30 -24.11
C ALA C 103 23.65 -14.49 -22.93
N LEU C 104 22.77 -14.06 -22.04
CA LEU C 104 23.17 -13.18 -20.97
C LEU C 104 22.95 -13.87 -19.63
N ASP C 105 24.05 -13.97 -18.90
CA ASP C 105 24.13 -14.38 -17.49
C ASP C 105 23.12 -13.60 -16.61
N GLU C 106 22.59 -14.24 -15.57
CA GLU C 106 21.81 -13.53 -14.54
C GLU C 106 22.63 -12.32 -14.01
N ALA C 107 23.92 -12.51 -13.79
CA ALA C 107 24.79 -11.45 -13.31
C ALA C 107 24.90 -10.30 -14.34
N LEU C 108 24.87 -10.66 -15.60
CA LEU C 108 25.07 -9.71 -16.65
C LEU C 108 23.76 -8.95 -16.94
N LEU C 109 22.63 -9.64 -16.90
CA LEU C 109 21.33 -9.01 -16.96
C LEU C 109 21.22 -7.98 -15.85
N GLN C 110 21.81 -8.28 -14.69
CA GLN C 110 21.77 -7.36 -13.54
C GLN C 110 22.67 -6.17 -13.75
N ARG C 111 23.86 -6.41 -14.25
CA ARG C 111 24.79 -5.31 -14.51
C ARG C 111 24.23 -4.35 -15.56
N ILE C 112 23.62 -4.93 -16.60
CA ILE C 112 23.14 -4.15 -17.72
C ILE C 112 21.87 -3.41 -17.29
N THR C 113 20.98 -4.08 -16.58
CA THR C 113 19.86 -3.41 -15.99
C THR C 113 20.37 -2.22 -15.17
N GLY C 114 21.52 -2.40 -14.51
CA GLY C 114 22.14 -1.37 -13.68
C GLY C 114 22.74 -0.18 -14.39
N PHE C 115 22.88 -0.24 -15.72
CA PHE C 115 23.33 0.92 -16.47
C PHE C 115 22.47 2.17 -16.25
N TRP C 116 21.18 1.99 -15.99
CA TRP C 116 20.29 3.13 -15.73
C TRP C 116 20.54 3.86 -14.38
N HIS C 117 21.33 3.25 -13.51
CA HIS C 117 21.64 3.75 -12.16
C HIS C 117 22.77 4.78 -12.22
N ARG C 118 23.44 4.89 -13.37
CA ARG C 118 24.60 5.76 -13.55
C ARG C 118 24.52 6.59 -14.83
N LEU C 119 23.94 7.78 -14.69
CA LEU C 119 23.65 8.62 -15.81
C LEU C 119 24.29 9.98 -15.60
N ARG C 120 24.82 10.50 -16.69
CA ARG C 120 25.62 11.69 -16.69
C ARG C 120 24.77 12.95 -16.77
N PRO C 121 25.05 13.94 -15.94
CA PRO C 121 24.28 15.18 -16.07
C PRO C 121 24.56 15.95 -17.36
N TRP C 122 23.60 16.77 -17.82
CA TRP C 122 23.90 17.75 -18.86
C TRP C 122 24.87 18.77 -18.23
N PRO C 123 25.60 19.52 -19.08
CA PRO C 123 26.66 20.41 -18.52
C PRO C 123 26.13 21.47 -17.57
N ASP C 124 24.87 21.87 -17.68
CA ASP C 124 24.30 22.89 -16.81
C ASP C 124 23.65 22.37 -15.59
N THR C 125 23.44 21.07 -15.51
CA THR C 125 22.58 20.51 -14.42
C THR C 125 23.11 20.72 -12.99
N LEU C 126 24.33 20.36 -12.72
CA LEU C 126 24.75 20.42 -11.33
C LEU C 126 24.77 21.84 -10.81
N ALA C 127 25.42 22.78 -11.52
CA ALA C 127 25.49 24.17 -10.98
C ALA C 127 24.15 24.75 -10.97
N GLY C 128 23.40 24.47 -12.00
CA GLY C 128 22.05 25.07 -11.99
C GLY C 128 21.28 24.59 -10.78
N HIS C 130 22.51 23.46 -7.75
CA HIS C 130 23.13 24.14 -6.60
C HIS C 130 22.74 25.60 -6.53
N ALA C 131 22.68 26.32 -7.65
CA ALA C 131 22.09 27.67 -7.59
C ALA C 131 20.60 27.74 -7.22
N LEU C 132 19.80 26.90 -7.85
CA LEU C 132 18.34 26.94 -7.58
C LEU C 132 17.98 26.57 -6.17
N LYS C 133 18.76 25.70 -5.53
CA LYS C 133 18.40 25.15 -4.23
C LYS C 133 18.47 26.19 -3.14
N ALA C 134 19.32 27.24 -3.30
CA ALA C 134 19.39 28.33 -2.32
C ALA C 134 18.02 28.87 -2.03
N ASP C 135 17.22 29.02 -3.09
CA ASP C 135 15.93 29.70 -3.01
C ASP C 135 14.67 28.80 -2.98
N TYR C 136 14.79 27.56 -3.45
CA TYR C 136 13.64 26.64 -3.62
C TYR C 136 13.98 25.26 -3.15
N TRP C 137 12.96 24.51 -2.72
CA TRP C 137 13.08 23.07 -2.49
C TRP C 137 13.18 22.46 -3.83
N LEU C 138 14.01 21.44 -3.97
CA LEU C 138 14.25 20.73 -5.22
C LEU C 138 13.89 19.32 -4.97
N ALA C 139 12.97 18.80 -5.78
CA ALA C 139 12.49 17.42 -5.58
C ALA C 139 12.41 16.74 -6.93
N ALA C 140 12.79 15.48 -6.99
CA ALA C 140 12.69 14.69 -8.22
C ALA C 140 11.24 14.23 -8.35
N LEU C 141 10.67 14.35 -9.56
CA LEU C 141 9.28 13.85 -9.88
C LEU C 141 9.43 12.92 -11.08
N SER C 142 9.63 11.65 -10.79
CA SER C 142 10.13 10.75 -11.71
C SER C 142 9.27 9.50 -11.81
N ASN C 143 9.24 8.90 -13.00
CA ASN C 143 8.73 7.54 -13.21
C ASN C 143 9.67 6.50 -12.64
N GLY C 144 10.95 6.80 -12.55
CA GLY C 144 11.90 5.96 -11.83
C GLY C 144 11.49 5.72 -10.40
N ASN C 145 11.61 4.48 -9.93
CA ASN C 145 11.39 4.17 -8.54
C ASN C 145 12.48 4.78 -7.64
N THR C 146 12.07 4.95 -6.37
CA THR C 146 12.85 5.63 -5.36
C THR C 146 14.25 5.16 -5.34
N ALA C 147 14.46 3.84 -5.28
CA ALA C 147 15.78 3.26 -5.18
C ALA C 147 16.64 3.54 -6.40
N LEU C 148 16.06 3.42 -7.58
CA LEU C 148 16.81 3.77 -8.80
C LEU C 148 17.19 5.25 -8.78
N LEU C 150 17.74 7.17 -6.25
CA LEU C 150 18.80 7.32 -5.28
C LEU C 150 20.18 7.07 -5.83
N ASP C 151 20.31 5.99 -6.59
CA ASP C 151 21.55 5.73 -7.30
C ASP C 151 21.86 6.80 -8.29
N VAL C 152 20.85 7.27 -9.02
CA VAL C 152 21.12 8.22 -10.07
C VAL C 152 21.64 9.54 -9.41
N ALA C 153 21.00 9.93 -8.31
CA ALA C 153 21.34 11.16 -7.60
C ALA C 153 22.77 11.12 -7.06
N ARG C 154 23.11 10.01 -6.44
CA ARG C 154 24.40 9.79 -5.82
C ARG C 154 25.51 9.69 -6.87
N HIS C 155 25.33 8.87 -7.91
CA HIS C 155 26.34 8.86 -8.98
C HIS C 155 26.56 10.25 -9.59
N ALA C 156 25.47 11.01 -9.78
CA ALA C 156 25.62 12.29 -10.49
C ALA C 156 25.85 13.47 -9.58
N GLY C 157 25.69 13.28 -8.28
CA GLY C 157 25.77 14.39 -7.33
C GLY C 157 24.57 15.37 -7.36
N LEU C 158 23.38 14.87 -7.68
CA LEU C 158 22.19 15.72 -7.70
C LEU C 158 21.79 16.08 -6.28
N PRO C 159 21.73 17.39 -5.91
CA PRO C 159 21.38 17.78 -4.52
C PRO C 159 19.86 17.91 -4.33
N TRP C 160 19.17 16.79 -4.14
CA TRP C 160 17.76 16.80 -3.84
C TRP C 160 17.44 17.15 -2.39
N ASP C 161 16.41 17.93 -2.15
CA ASP C 161 15.75 17.96 -0.87
C ASP C 161 14.86 16.69 -0.69
N LEU C 163 12.72 13.15 -2.88
CA LEU C 163 12.44 12.37 -4.11
C LEU C 163 10.99 11.96 -4.05
N LEU C 164 10.22 12.32 -5.07
CA LEU C 164 8.76 12.02 -5.15
C LEU C 164 8.56 11.16 -6.39
N CYS C 165 8.81 9.87 -6.23
CA CYS C 165 8.83 8.94 -7.32
C CYS C 165 7.54 8.09 -7.47
N ALA C 166 7.44 7.42 -8.62
CA ALA C 166 6.20 6.72 -9.06
C ALA C 166 5.79 5.66 -8.05
N ASP C 167 6.78 4.90 -7.53
CA ASP C 167 6.52 3.93 -6.52
C ASP C 167 5.98 4.47 -5.17
N LEU C 168 6.13 5.73 -4.89
CA LEU C 168 5.54 6.26 -3.67
C LEU C 168 4.04 6.39 -3.83
N PHE C 169 3.60 6.74 -5.02
CA PHE C 169 2.19 7.04 -5.25
C PHE C 169 1.41 5.82 -5.86
N GLY C 170 2.11 4.81 -6.35
CA GLY C 170 1.42 3.68 -7.03
C GLY C 170 0.97 4.03 -8.44
N HIS C 171 1.49 5.13 -9.03
CA HIS C 171 1.07 5.64 -10.36
C HIS C 171 2.21 6.23 -11.15
N TYR C 172 2.15 6.07 -12.48
CA TYR C 172 3.12 6.64 -13.40
C TYR C 172 2.53 7.94 -13.93
N LYS C 173 3.41 8.90 -14.26
CA LYS C 173 2.98 10.14 -14.88
C LYS C 173 2.39 9.71 -16.20
N PRO C 174 1.43 10.45 -16.72
CA PRO C 174 0.87 11.68 -16.23
C PRO C 174 -0.39 11.51 -15.41
N ASP C 175 -0.55 10.41 -14.69
CA ASP C 175 -1.68 10.29 -13.78
C ASP C 175 -1.67 11.44 -12.80
N PRO C 176 -2.84 12.03 -12.49
CA PRO C 176 -2.89 13.21 -11.66
C PRO C 176 -2.43 12.92 -10.24
N GLN C 177 -2.50 11.66 -9.85
CA GLN C 177 -2.05 11.25 -8.52
C GLN C 177 -0.56 11.64 -8.25
N VAL C 178 0.26 11.62 -9.29
CA VAL C 178 1.69 11.90 -9.13
C VAL C 178 1.84 13.37 -8.78
N TYR C 179 1.32 14.24 -9.62
CA TYR C 179 1.53 15.66 -9.44
C TYR C 179 0.86 16.15 -8.15
N LEU C 180 -0.34 15.67 -7.89
CA LEU C 180 -1.11 16.23 -6.81
C LEU C 180 -0.70 15.60 -5.55
N GLY C 181 -0.24 14.36 -5.61
CA GLY C 181 0.32 13.73 -4.43
C GLY C 181 1.62 14.39 -4.00
N ALA C 182 2.44 14.71 -4.99
CA ALA C 182 3.70 15.47 -4.74
C ALA C 182 3.43 16.74 -3.96
N CYS C 183 2.55 17.57 -4.49
CA CYS C 183 2.21 18.83 -3.83
C CYS C 183 1.72 18.64 -2.37
N ARG C 184 0.92 17.62 -2.15
CA ARG C 184 0.39 17.37 -0.83
C ARG C 184 1.52 16.98 0.07
N LEU C 185 2.41 16.10 -0.34
CA LEU C 185 3.55 15.78 0.55
C LEU C 185 4.45 16.99 0.88
N LEU C 186 4.54 17.95 -0.04
CA LEU C 186 5.34 19.18 0.18
C LEU C 186 4.55 20.20 1.03
N ASP C 187 3.32 19.83 1.30
CA ASP C 187 2.31 20.64 1.98
C ASP C 187 2.17 22.01 1.29
N LEU C 188 2.16 22.00 -0.05
CA LEU C 188 2.06 23.22 -0.79
C LEU C 188 0.92 23.11 -1.80
N PRO C 189 0.20 24.22 -2.01
CA PRO C 189 -0.76 24.28 -3.08
C PRO C 189 -0.10 24.15 -4.46
N PRO C 190 -0.78 23.50 -5.42
CA PRO C 190 -0.19 23.33 -6.74
C PRO C 190 0.39 24.64 -7.31
N GLN C 191 -0.27 25.74 -7.07
CA GLN C 191 0.13 27.00 -7.59
C GLN C 191 1.49 27.48 -7.09
N GLU C 192 1.97 26.93 -5.97
CA GLU C 192 3.25 27.36 -5.44
C GLU C 192 4.35 26.38 -5.80
N VAL C 193 4.04 25.49 -6.73
CA VAL C 193 4.96 24.44 -7.14
C VAL C 193 5.11 24.52 -8.65
N LEU C 195 6.87 22.63 -12.08
CA LEU C 195 7.50 21.44 -12.63
C LEU C 195 8.34 21.96 -13.72
N CYS C 196 9.58 21.54 -13.69
CA CYS C 196 10.52 21.75 -14.75
C CYS C 196 10.82 20.45 -15.53
N ALA C 197 10.69 20.47 -16.85
CA ALA C 197 10.81 19.27 -17.68
C ALA C 197 11.20 19.65 -19.07
N ALA C 198 11.82 18.72 -19.75
CA ALA C 198 12.16 18.88 -21.13
C ALA C 198 11.08 18.28 -22.06
N HIS C 199 9.95 17.84 -21.46
CA HIS C 199 8.90 17.05 -22.18
C HIS C 199 7.57 17.77 -21.99
N ASN C 200 7.02 18.25 -23.10
CA ASN C 200 5.74 18.96 -23.10
C ASN C 200 4.54 18.17 -22.54
N TYR C 201 4.50 16.87 -22.74
CA TYR C 201 3.41 16.05 -22.16
C TYR C 201 3.38 16.19 -20.63
N ASP C 202 4.59 16.34 -19.99
CA ASP C 202 4.71 16.37 -18.51
C ASP C 202 4.16 17.67 -18.02
N LEU C 203 4.55 18.75 -18.70
CA LEU C 203 4.12 20.12 -18.34
C LEU C 203 2.61 20.31 -18.57
N LYS C 204 2.15 19.72 -19.66
CA LYS C 204 0.75 19.79 -20.01
C LYS C 204 -0.07 19.19 -18.88
N ALA C 205 0.28 17.98 -18.46
CA ALA C 205 -0.46 17.35 -17.32
C ALA C 205 -0.38 18.22 -16.06
N ALA C 206 0.79 18.76 -15.75
CA ALA C 206 0.97 19.57 -14.54
C ALA C 206 0.20 20.87 -14.66
N ARG C 207 0.27 21.48 -15.81
CA ARG C 207 -0.44 22.75 -15.94
C ARG C 207 -1.98 22.58 -15.73
N ALA C 208 -2.55 21.50 -16.25
CA ALA C 208 -4.01 21.26 -16.12
C ALA C 208 -4.35 21.04 -14.65
N LEU C 209 -3.37 20.65 -13.83
CA LEU C 209 -3.61 20.47 -12.41
C LEU C 209 -3.26 21.69 -11.60
N GLY C 210 -2.93 22.81 -12.22
CA GLY C 210 -2.73 24.03 -11.43
C GLY C 210 -1.26 24.36 -11.14
N LEU C 211 -0.35 23.52 -11.58
CA LEU C 211 1.08 23.76 -11.26
C LEU C 211 1.65 24.81 -12.19
N LYS C 212 2.69 25.53 -11.75
CA LYS C 212 3.47 26.34 -12.69
C LYS C 212 4.41 25.42 -13.47
N THR C 213 4.94 25.87 -14.62
CA THR C 213 5.67 25.03 -15.60
C THR C 213 6.90 25.77 -16.16
N ALA C 214 8.00 25.03 -16.33
CA ALA C 214 9.19 25.51 -16.94
C ALA C 214 9.63 24.50 -17.90
N PHE C 215 9.96 24.92 -19.13
CA PHE C 215 10.39 24.05 -20.18
C PHE C 215 11.82 24.32 -20.57
N ILE C 216 12.60 23.27 -20.71
CA ILE C 216 13.97 23.36 -21.11
C ILE C 216 14.14 22.28 -22.15
N ALA C 217 14.38 22.68 -23.39
CA ALA C 217 14.61 21.79 -24.52
C ALA C 217 15.89 21.07 -24.39
N ARG C 218 15.83 19.77 -24.63
CA ARG C 218 16.99 18.89 -24.69
C ARG C 218 17.06 18.16 -26.04
N PRO C 219 17.46 18.90 -27.10
CA PRO C 219 17.32 18.41 -28.47
C PRO C 219 18.16 17.21 -28.79
N LEU C 220 19.12 16.87 -27.92
CA LEU C 220 20.02 15.75 -28.10
C LEU C 220 19.66 14.56 -27.24
N GLU C 221 18.57 14.64 -26.45
CA GLU C 221 18.17 13.51 -25.62
C GLU C 221 18.12 12.19 -26.37
N TYR C 222 17.53 12.23 -27.56
CA TYR C 222 17.27 11.01 -28.31
C TYR C 222 18.28 10.84 -29.44
N GLY C 223 19.28 11.69 -29.53
CA GLY C 223 20.35 11.48 -30.51
C GLY C 223 20.19 12.41 -31.70
N PRO C 224 21.14 12.39 -32.64
CA PRO C 224 21.03 13.30 -33.81
C PRO C 224 19.62 13.30 -34.48
N GLY C 225 18.96 12.15 -34.55
CA GLY C 225 17.63 12.08 -35.17
C GLY C 225 16.41 12.76 -34.53
N GLN C 226 16.60 13.53 -33.44
CA GLN C 226 15.47 13.92 -32.57
C GLN C 226 14.50 14.87 -33.21
N SER C 227 13.22 14.51 -33.15
CA SER C 227 12.17 15.27 -33.77
C SER C 227 11.13 15.85 -32.78
N GLN C 228 10.93 15.19 -31.64
CA GLN C 228 9.93 15.64 -30.65
C GLN C 228 10.55 16.56 -29.54
N ASP C 229 9.71 17.42 -28.95
CA ASP C 229 10.08 18.24 -27.80
C ASP C 229 11.29 19.19 -28.05
N LEU C 230 11.40 19.65 -29.30
CA LEU C 230 12.44 20.58 -29.71
C LEU C 230 12.06 21.97 -29.31
N ALA C 231 10.76 22.21 -29.04
CA ALA C 231 10.30 23.55 -28.66
C ALA C 231 9.08 23.48 -27.73
N ALA C 232 8.70 24.65 -27.21
CA ALA C 232 7.57 24.75 -26.29
C ALA C 232 6.26 24.65 -27.08
N GLU C 233 5.34 23.81 -26.62
CA GLU C 233 4.05 23.63 -27.27
C GLU C 233 3.06 24.58 -26.73
N GLN C 234 3.16 24.92 -25.43
CA GLN C 234 2.33 25.97 -24.86
C GLN C 234 3.20 27.08 -24.42
N ASP C 235 2.57 28.21 -24.05
CA ASP C 235 3.32 29.31 -23.43
C ASP C 235 3.50 28.94 -21.94
N TRP C 236 4.47 28.08 -21.67
CA TRP C 236 4.78 27.65 -20.29
C TRP C 236 5.18 28.86 -19.42
N ASP C 237 4.99 28.78 -18.11
CA ASP C 237 5.31 29.98 -17.33
C ASP C 237 6.77 30.49 -17.56
N LEU C 238 7.72 29.59 -17.77
CA LEU C 238 9.09 29.95 -18.16
C LEU C 238 9.52 28.98 -19.24
N ILE C 239 10.30 29.51 -20.19
CA ILE C 239 10.97 28.75 -21.19
C ILE C 239 12.47 29.13 -21.12
N ALA C 240 13.32 28.14 -20.95
CA ALA C 240 14.67 28.45 -20.59
C ALA C 240 15.54 27.57 -21.42
N SER C 241 16.76 28.03 -21.66
CA SER C 241 17.71 27.27 -22.47
C SER C 241 18.47 26.23 -21.63
N ASP C 242 18.48 26.39 -20.31
CA ASP C 242 19.21 25.44 -19.44
C ASP C 242 18.88 25.90 -18.01
N LEU C 243 19.35 25.17 -16.99
CA LEU C 243 18.96 25.44 -15.64
C LEU C 243 19.51 26.75 -15.13
N LEU C 244 20.62 27.18 -15.72
CA LEU C 244 21.24 28.45 -15.30
C LEU C 244 20.41 29.61 -15.75
N ASP C 245 20.00 29.56 -17.00
CA ASP C 245 19.15 30.64 -17.53
C ASP C 245 17.80 30.64 -16.78
N LEU C 246 17.36 29.45 -16.34
CA LEU C 246 16.19 29.37 -15.47
C LEU C 246 16.42 30.08 -14.15
N HIS C 247 17.57 29.79 -13.57
CA HIS C 247 17.87 30.52 -12.32
C HIS C 247 17.82 32.01 -12.55
N ARG C 248 18.44 32.42 -13.64
CA ARG C 248 18.48 33.82 -13.98
C ARG C 248 17.02 34.36 -14.24
N GLN C 249 16.16 33.62 -14.95
CA GLN C 249 14.82 34.20 -15.18
C GLN C 249 14.04 34.32 -13.87
N LEU C 250 14.20 33.37 -12.96
CA LEU C 250 13.50 33.42 -11.66
C LEU C 250 14.00 34.51 -10.71
N ALA C 251 15.31 34.77 -10.73
CA ALA C 251 15.90 35.89 -10.01
C ALA C 251 15.36 37.16 -10.57
N ALA C 252 15.22 37.24 -11.89
CA ALA C 252 14.74 38.49 -12.46
C ALA C 252 13.28 38.76 -11.99
N SER C 253 12.44 37.73 -12.04
CA SER C 253 11.27 37.59 -11.11
C SER C 253 10.46 36.29 -11.37
N GLY D 21 -13.94 -7.79 23.11
CA GLY D 21 -13.07 -7.08 22.13
C GLY D 21 -12.93 -7.77 20.77
N ARG D 23 -13.23 -9.75 17.36
CA ARG D 23 -14.35 -9.75 16.43
C ARG D 23 -14.17 -10.65 15.20
N ALA D 24 -12.95 -11.07 14.91
CA ALA D 24 -12.76 -11.80 13.73
C ALA D 24 -11.72 -12.84 14.02
N ILE D 25 -11.90 -14.02 13.40
CA ILE D 25 -10.91 -15.05 13.49
C ILE D 25 -10.45 -15.34 12.07
N LEU D 26 -9.12 -15.28 11.90
CA LEU D 26 -8.46 -15.62 10.71
C LEU D 26 -7.98 -17.03 10.91
N PHE D 27 -8.04 -17.84 9.87
CA PHE D 27 -7.66 -19.25 9.98
C PHE D 27 -6.66 -19.49 8.91
N ASP D 28 -5.53 -20.07 9.30
CA ASP D 28 -4.68 -20.74 8.33
C ASP D 28 -5.49 -21.92 7.80
N VAL D 29 -5.27 -22.37 6.57
CA VAL D 29 -6.20 -23.39 6.01
C VAL D 29 -5.56 -24.78 5.81
N PHE D 30 -4.47 -24.87 5.06
CA PHE D 30 -3.85 -26.16 4.84
C PHE D 30 -3.32 -26.63 6.17
N GLY D 31 -3.63 -27.88 6.53
CA GLY D 31 -3.26 -28.45 7.81
C GLY D 31 -4.11 -28.00 8.96
N THR D 32 -4.26 -26.69 9.13
CA THR D 32 -5.00 -26.21 10.25
C THR D 32 -6.49 -26.72 10.16
N LEU D 33 -7.08 -26.68 8.96
CA LEU D 33 -8.50 -26.99 8.77
C LEU D 33 -8.76 -28.18 7.86
N VAL D 34 -7.87 -28.39 6.91
CA VAL D 34 -8.05 -29.44 5.91
C VAL D 34 -6.82 -30.35 5.91
N ASP D 35 -7.05 -31.64 5.73
CA ASP D 35 -5.99 -32.68 5.72
C ASP D 35 -5.52 -32.83 4.28
N TRP D 36 -4.57 -32.00 3.88
CA TRP D 36 -4.11 -32.02 2.49
C TRP D 36 -3.38 -33.34 2.18
N ARG D 37 -2.71 -33.92 3.17
CA ARG D 37 -1.87 -35.10 2.94
C ARG D 37 -2.70 -36.32 2.50
N SER D 38 -3.74 -36.69 3.23
CA SER D 38 -4.57 -37.83 2.78
C SER D 38 -5.35 -37.53 1.55
N SER D 39 -5.74 -36.27 1.33
CA SER D 39 -6.44 -35.95 0.06
C SER D 39 -5.49 -36.03 -1.13
N LEU D 40 -4.24 -35.59 -0.98
CA LEU D 40 -3.32 -35.77 -2.13
C LEU D 40 -3.14 -37.29 -2.36
N ILE D 41 -2.86 -38.05 -1.31
CA ILE D 41 -2.57 -39.49 -1.45
C ILE D 41 -3.78 -40.23 -2.00
N GLU D 42 -4.97 -39.92 -1.50
CA GLU D 42 -6.21 -40.56 -1.97
C GLU D 42 -6.49 -40.22 -3.42
N GLN D 43 -6.08 -39.05 -3.89
CA GLN D 43 -6.33 -38.70 -5.29
C GLN D 43 -5.27 -39.29 -6.25
N PHE D 44 -4.00 -39.28 -5.82
CA PHE D 44 -2.94 -39.95 -6.58
C PHE D 44 -3.32 -41.40 -6.84
N GLN D 45 -3.59 -42.13 -5.75
CA GLN D 45 -4.21 -43.46 -5.84
C GLN D 45 -5.29 -43.50 -6.92
N ALA D 46 -6.52 -43.09 -6.58
CA ALA D 46 -7.66 -43.23 -7.50
C ALA D 46 -7.37 -42.91 -8.99
N LEU D 47 -6.31 -42.16 -9.24
CA LEU D 47 -5.85 -41.89 -10.61
C LEU D 47 -5.35 -43.19 -11.26
N GLU D 48 -4.22 -43.70 -10.77
CA GLU D 48 -3.62 -44.99 -11.20
C GLU D 48 -4.53 -45.94 -12.00
N ARG D 49 -5.63 -46.35 -11.36
CA ARG D 49 -6.54 -47.34 -11.91
C ARG D 49 -7.06 -46.99 -13.33
N GLU D 50 -6.64 -45.84 -13.83
CA GLU D 50 -6.98 -45.34 -15.16
C GLU D 50 -5.78 -45.49 -16.11
N LEU D 55 3.07 -45.17 -10.13
CA LEU D 55 3.27 -43.78 -9.65
C LEU D 55 3.52 -43.70 -8.13
N PRO D 56 4.52 -42.90 -7.68
CA PRO D 56 4.87 -42.85 -6.23
C PRO D 56 4.13 -41.77 -5.35
N CYS D 57 2.81 -41.96 -5.18
CA CYS D 57 1.95 -41.11 -4.34
C CYS D 57 2.62 -40.53 -3.09
N VAL D 58 2.91 -41.38 -2.11
CA VAL D 58 3.32 -40.94 -0.78
C VAL D 58 4.66 -40.21 -0.80
N GLU D 59 5.47 -40.54 -1.80
CA GLU D 59 6.82 -40.07 -1.88
C GLU D 59 6.83 -38.63 -2.36
N LEU D 60 6.15 -38.36 -3.47
CA LEU D 60 6.15 -36.99 -3.97
C LEU D 60 5.39 -36.03 -3.02
N THR D 61 4.21 -36.45 -2.56
CA THR D 61 3.37 -35.66 -1.65
C THR D 61 4.29 -35.15 -0.55
N ASP D 62 5.02 -36.08 0.05
CA ASP D 62 5.86 -35.72 1.16
C ASP D 62 7.03 -34.83 0.76
N ARG D 63 7.27 -34.64 -0.53
CA ARG D 63 8.37 -33.74 -0.91
C ARG D 63 7.88 -32.40 -1.44
N TRP D 64 6.58 -32.30 -1.67
CA TRP D 64 6.05 -31.22 -2.49
C TRP D 64 6.16 -29.87 -1.83
N ARG D 65 5.80 -29.81 -0.55
CA ARG D 65 5.78 -28.55 0.18
C ARG D 65 7.18 -28.01 0.34
N GLN D 66 8.12 -28.91 0.60
CA GLN D 66 9.54 -28.49 0.72
C GLN D 66 10.04 -28.07 -0.63
N GLN D 67 9.52 -28.69 -1.69
CA GLN D 67 10.04 -28.43 -3.06
C GLN D 67 9.87 -26.97 -3.48
N TYR D 68 8.72 -26.36 -3.16
CA TYR D 68 8.50 -24.97 -3.57
C TYR D 68 9.12 -23.96 -2.62
N LYS D 69 9.60 -24.41 -1.48
CA LYS D 69 10.03 -23.49 -0.44
C LYS D 69 11.05 -22.45 -0.89
N PRO D 70 12.01 -22.84 -1.76
CA PRO D 70 13.02 -21.82 -2.09
C PRO D 70 12.53 -20.80 -3.09
N ALA D 71 11.67 -21.20 -4.03
CA ALA D 71 11.01 -20.21 -4.89
C ALA D 71 10.29 -19.19 -3.99
N ASP D 73 10.75 -18.47 -0.97
CA ASP D 73 11.76 -17.67 -0.26
C ASP D 73 12.36 -16.56 -1.15
N ARG D 74 12.51 -16.86 -2.44
CA ARG D 74 13.01 -15.89 -3.40
C ARG D 74 12.00 -14.74 -3.63
N VAL D 75 10.75 -15.10 -3.88
CA VAL D 75 9.66 -14.14 -3.86
C VAL D 75 9.76 -13.26 -2.62
N ARG D 76 9.94 -13.87 -1.47
CA ARG D 76 9.89 -13.13 -0.20
C ARG D 76 10.94 -12.02 -0.04
N ASN D 77 12.21 -12.35 -0.27
CA ASN D 77 13.33 -11.39 -0.07
C ASN D 77 13.63 -10.52 -1.34
N GLY D 78 12.98 -10.87 -2.45
CA GLY D 78 12.97 -10.05 -3.66
C GLY D 78 13.75 -10.61 -4.83
N GLN D 79 14.09 -11.89 -4.77
CA GLN D 79 14.98 -12.54 -5.77
C GLN D 79 14.31 -12.94 -7.07
N ALA D 80 13.01 -12.69 -7.18
CA ALA D 80 12.26 -13.23 -8.32
C ALA D 80 10.84 -12.63 -8.38
N PRO D 81 10.15 -12.81 -9.52
CA PRO D 81 8.88 -12.13 -9.68
C PRO D 81 7.79 -12.78 -8.81
N TRP D 82 6.86 -11.97 -8.29
CA TRP D 82 5.71 -12.54 -7.61
C TRP D 82 5.09 -13.68 -8.45
N GLN D 83 4.88 -14.84 -7.84
CA GLN D 83 4.06 -15.91 -8.41
C GLN D 83 3.12 -16.44 -7.34
N HIS D 84 1.95 -16.91 -7.75
CA HIS D 84 0.95 -17.42 -6.80
C HIS D 84 1.05 -18.94 -6.59
N LEU D 85 0.35 -19.48 -5.59
CA LEU D 85 0.68 -20.81 -5.05
C LEU D 85 0.32 -21.88 -6.05
N ASP D 86 -0.73 -21.65 -6.83
CA ASP D 86 -1.12 -22.56 -7.89
C ASP D 86 0.09 -22.68 -8.83
N GLN D 87 0.73 -21.55 -9.13
CA GLN D 87 1.89 -21.56 -10.02
C GLN D 87 3.05 -22.30 -9.38
N LEU D 88 3.40 -21.92 -8.15
CA LEU D 88 4.45 -22.62 -7.40
C LEU D 88 4.21 -24.15 -7.21
N HIS D 89 2.95 -24.56 -7.05
CA HIS D 89 2.58 -25.97 -7.11
C HIS D 89 2.82 -26.57 -8.50
N ARG D 90 2.73 -25.79 -9.56
CA ARG D 90 3.00 -26.32 -10.90
C ARG D 90 4.51 -26.59 -11.13
N GLN D 91 5.33 -25.55 -11.03
CA GLN D 91 6.79 -25.66 -11.06
C GLN D 91 7.37 -26.73 -10.15
N SER D 92 6.98 -26.67 -8.88
CA SER D 92 7.52 -27.62 -7.91
C SER D 92 7.19 -29.05 -8.34
N LEU D 93 6.00 -29.23 -8.95
CA LEU D 93 5.58 -30.56 -9.42
C LEU D 93 6.44 -31.01 -10.58
N GLU D 94 6.72 -30.11 -11.50
CA GLU D 94 7.48 -30.45 -12.67
C GLU D 94 8.88 -30.90 -12.24
N ALA D 95 9.51 -30.13 -11.35
CA ALA D 95 10.77 -30.49 -10.73
C ALA D 95 10.78 -31.88 -10.05
N LEU D 96 9.72 -32.21 -9.31
CA LEU D 96 9.57 -33.57 -8.76
C LEU D 96 9.39 -34.62 -9.89
N ALA D 97 8.58 -34.33 -10.92
CA ALA D 97 8.41 -35.25 -12.06
C ALA D 97 9.74 -35.52 -12.81
N GLY D 98 10.58 -34.51 -12.93
CA GLY D 98 11.97 -34.74 -13.41
C GLY D 98 12.79 -35.68 -12.51
N GLU D 99 12.81 -35.41 -11.20
CA GLU D 99 13.55 -36.23 -10.24
C GLU D 99 13.16 -37.72 -10.29
N PHE D 100 11.86 -38.01 -10.40
CA PHE D 100 11.36 -39.41 -10.42
C PHE D 100 11.23 -39.95 -11.85
N GLY D 101 11.76 -39.21 -12.82
CA GLY D 101 11.63 -39.53 -14.24
C GLY D 101 10.22 -39.72 -14.82
N LEU D 102 9.19 -39.28 -14.11
CA LEU D 102 7.84 -39.38 -14.66
C LEU D 102 7.70 -38.50 -15.89
N ALA D 103 7.08 -39.06 -16.92
CA ALA D 103 6.82 -38.31 -18.12
C ALA D 103 5.32 -38.11 -18.14
N LEU D 104 4.90 -36.86 -17.87
CA LEU D 104 3.48 -36.49 -17.73
C LEU D 104 3.13 -35.44 -18.78
N ASP D 105 2.02 -35.66 -19.49
CA ASP D 105 1.55 -34.63 -20.41
C ASP D 105 0.95 -33.40 -19.69
N GLU D 106 0.68 -32.35 -20.47
CA GLU D 106 0.11 -31.11 -19.96
C GLU D 106 -1.14 -31.43 -19.12
N ALA D 107 -2.15 -32.06 -19.74
CA ALA D 107 -3.42 -32.28 -19.04
C ALA D 107 -3.17 -32.86 -17.64
N LEU D 108 -2.51 -34.01 -17.61
CA LEU D 108 -2.22 -34.73 -16.37
C LEU D 108 -1.42 -33.86 -15.39
N LEU D 109 -0.58 -32.96 -15.90
CA LEU D 109 0.19 -32.04 -15.06
C LEU D 109 -0.74 -30.98 -14.39
N GLN D 110 -1.77 -30.53 -15.13
CA GLN D 110 -2.80 -29.62 -14.61
C GLN D 110 -3.61 -30.33 -13.53
N ARG D 111 -4.06 -31.54 -13.86
CA ARG D 111 -4.86 -32.36 -12.94
C ARG D 111 -4.22 -32.62 -11.57
N ILE D 112 -2.94 -33.01 -11.57
CA ILE D 112 -2.25 -33.29 -10.31
C ILE D 112 -2.05 -31.99 -9.56
N THR D 113 -1.74 -30.92 -10.28
CA THR D 113 -1.63 -29.61 -9.66
C THR D 113 -2.99 -29.24 -9.05
N GLY D 114 -4.05 -29.60 -9.75
CA GLY D 114 -5.40 -29.35 -9.30
C GLY D 114 -5.89 -30.19 -8.16
N PHE D 115 -5.03 -31.05 -7.62
CA PHE D 115 -5.39 -31.88 -6.48
C PHE D 115 -5.55 -31.02 -5.24
N TRP D 116 -4.76 -29.96 -5.16
CA TRP D 116 -4.76 -29.12 -3.99
C TRP D 116 -6.04 -28.28 -3.86
N HIS D 117 -6.95 -28.43 -4.80
CA HIS D 117 -8.18 -27.66 -4.86
C HIS D 117 -9.33 -28.41 -4.22
N ARG D 118 -9.04 -29.66 -3.81
CA ARG D 118 -10.07 -30.53 -3.27
C ARG D 118 -9.56 -31.27 -2.06
N LEU D 119 -9.79 -30.67 -0.90
CA LEU D 119 -9.14 -31.08 0.29
C LEU D 119 -10.18 -31.41 1.36
N ARG D 120 -10.00 -32.58 1.99
CA ARG D 120 -10.86 -33.08 3.03
C ARG D 120 -10.67 -32.31 4.35
N PRO D 121 -11.75 -31.91 4.96
CA PRO D 121 -11.66 -31.24 6.25
C PRO D 121 -11.37 -32.22 7.36
N TRP D 122 -10.61 -31.83 8.37
CA TRP D 122 -10.64 -32.62 9.60
C TRP D 122 -12.08 -32.77 10.20
N PRO D 123 -12.31 -33.84 11.01
CA PRO D 123 -13.69 -34.11 11.50
C PRO D 123 -14.28 -33.00 12.33
N ASP D 124 -13.46 -32.18 12.99
CA ASP D 124 -13.98 -31.06 13.78
C ASP D 124 -14.22 -29.76 13.00
N THR D 125 -13.70 -29.64 11.80
CA THR D 125 -13.60 -28.32 11.15
C THR D 125 -14.96 -27.70 10.80
N LEU D 126 -15.79 -28.49 10.10
CA LEU D 126 -17.04 -28.01 9.57
C LEU D 126 -18.01 -27.56 10.69
N ALA D 127 -18.23 -28.42 11.68
CA ALA D 127 -19.16 -28.07 12.75
C ALA D 127 -18.56 -26.90 13.60
N GLY D 128 -17.27 -26.90 13.80
CA GLY D 128 -16.56 -25.80 14.51
C GLY D 128 -16.80 -24.46 13.84
N HIS D 130 -19.18 -23.54 11.53
CA HIS D 130 -20.58 -23.15 11.64
C HIS D 130 -20.95 -22.59 13.03
N ALA D 131 -20.43 -23.17 14.06
CA ALA D 131 -20.62 -22.68 15.41
C ALA D 131 -19.95 -21.29 15.67
N LEU D 132 -18.70 -21.11 15.21
CA LEU D 132 -18.01 -19.83 15.42
C LEU D 132 -18.60 -18.68 14.62
N LYS D 133 -19.21 -18.97 13.47
CA LYS D 133 -19.57 -17.90 12.60
C LYS D 133 -20.64 -16.99 13.20
N ALA D 134 -21.46 -17.49 14.10
CA ALA D 134 -22.51 -16.68 14.74
C ALA D 134 -21.90 -15.53 15.52
N ASP D 135 -20.74 -15.74 16.13
CA ASP D 135 -20.13 -14.73 16.96
C ASP D 135 -18.95 -13.93 16.34
N TYR D 136 -18.25 -14.54 15.39
CA TYR D 136 -17.05 -13.99 14.79
C TYR D 136 -17.19 -14.02 13.27
N TRP D 137 -16.61 -13.04 12.61
CA TRP D 137 -16.37 -13.09 11.20
C TRP D 137 -15.29 -14.12 11.04
N LEU D 138 -15.35 -14.88 9.95
CA LEU D 138 -14.40 -15.97 9.70
C LEU D 138 -13.76 -15.68 8.36
N ALA D 139 -12.45 -15.71 8.31
CA ALA D 139 -11.75 -15.43 7.05
C ALA D 139 -10.58 -16.32 6.89
N ALA D 140 -10.32 -16.77 5.70
CA ALA D 140 -9.18 -17.58 5.39
C ALA D 140 -7.93 -16.64 5.29
N LEU D 141 -6.89 -16.98 6.05
CA LEU D 141 -5.57 -16.33 5.87
C LEU D 141 -4.55 -17.34 5.37
N SER D 142 -4.38 -17.39 4.05
CA SER D 142 -3.71 -18.49 3.40
C SER D 142 -2.66 -17.96 2.43
N ASN D 143 -1.63 -18.78 2.23
CA ASN D 143 -0.68 -18.60 1.13
C ASN D 143 -1.28 -19.10 -0.13
N GLY D 144 -2.32 -19.92 -0.05
CA GLY D 144 -2.99 -20.33 -1.28
C GLY D 144 -3.59 -19.10 -1.95
N ASN D 145 -3.65 -19.04 -3.27
CA ASN D 145 -4.27 -17.92 -3.94
C ASN D 145 -5.80 -18.03 -3.90
N THR D 146 -6.42 -16.86 -4.10
CA THR D 146 -7.86 -16.70 -3.91
C THR D 146 -8.63 -17.76 -4.67
N ALA D 147 -8.29 -17.99 -5.92
CA ALA D 147 -9.08 -18.95 -6.72
C ALA D 147 -8.93 -20.35 -6.16
N LEU D 148 -7.77 -20.64 -5.55
CA LEU D 148 -7.50 -21.96 -5.00
C LEU D 148 -8.32 -22.09 -3.73
N LEU D 150 -11.07 -20.59 -3.05
CA LEU D 150 -12.50 -20.70 -3.44
C LEU D 150 -12.91 -22.11 -3.74
N ASP D 151 -12.08 -22.77 -4.56
CA ASP D 151 -12.27 -24.21 -4.82
C ASP D 151 -12.23 -25.03 -3.56
N VAL D 152 -11.25 -24.78 -2.70
CA VAL D 152 -11.16 -25.56 -1.47
C VAL D 152 -12.41 -25.38 -0.56
N ALA D 153 -12.87 -24.12 -0.48
CA ALA D 153 -14.12 -23.77 0.28
C ALA D 153 -15.37 -24.47 -0.21
N ARG D 154 -15.63 -24.35 -1.50
CA ARG D 154 -16.76 -24.99 -2.09
C ARG D 154 -16.66 -26.52 -1.95
N HIS D 155 -15.47 -27.07 -2.13
CA HIS D 155 -15.37 -28.55 -2.10
C HIS D 155 -15.73 -29.06 -0.72
N ALA D 156 -15.28 -28.35 0.32
CA ALA D 156 -15.51 -28.79 1.69
C ALA D 156 -16.73 -28.18 2.35
N GLY D 157 -17.32 -27.17 1.75
CA GLY D 157 -18.43 -26.49 2.35
C GLY D 157 -17.97 -25.56 3.47
N LEU D 158 -16.80 -24.94 3.36
CA LEU D 158 -16.29 -24.04 4.45
C LEU D 158 -17.05 -22.69 4.38
N PRO D 159 -17.64 -22.26 5.46
CA PRO D 159 -18.48 -21.04 5.36
C PRO D 159 -17.74 -19.77 5.81
N TRP D 160 -17.00 -19.18 4.88
CA TRP D 160 -16.19 -18.01 5.11
C TRP D 160 -17.01 -16.79 4.99
N ASP D 161 -16.77 -15.81 5.83
CA ASP D 161 -17.21 -14.43 5.48
C ASP D 161 -16.34 -13.79 4.39
N LEU D 163 -12.15 -14.11 2.19
CA LEU D 163 -10.88 -14.84 2.00
C LEU D 163 -9.80 -13.82 1.88
N LEU D 164 -8.77 -13.93 2.70
CA LEU D 164 -7.70 -12.94 2.74
C LEU D 164 -6.41 -13.66 2.40
N CYS D 165 -6.23 -14.00 1.13
CA CYS D 165 -5.11 -14.79 0.71
C CYS D 165 -3.89 -13.96 0.25
N ALA D 166 -2.76 -14.66 0.08
CA ALA D 166 -1.48 -14.08 -0.33
C ALA D 166 -1.53 -13.21 -1.54
N ASP D 167 -2.31 -13.62 -2.54
CA ASP D 167 -2.36 -12.83 -3.76
C ASP D 167 -3.14 -11.50 -3.63
N LEU D 168 -3.77 -11.22 -2.49
CA LEU D 168 -4.34 -9.93 -2.26
C LEU D 168 -3.20 -8.98 -1.91
N PHE D 169 -2.15 -9.47 -1.24
CA PHE D 169 -1.11 -8.60 -0.68
C PHE D 169 0.29 -8.58 -1.42
N GLY D 170 0.49 -9.53 -2.30
CA GLY D 170 1.78 -9.73 -2.92
C GLY D 170 2.86 -10.12 -1.94
N HIS D 171 2.46 -10.90 -0.92
CA HIS D 171 3.34 -11.36 0.17
C HIS D 171 2.89 -12.73 0.73
N TYR D 172 3.85 -13.57 1.10
CA TYR D 172 3.59 -14.89 1.66
C TYR D 172 3.84 -14.84 3.11
N LYS D 173 3.10 -15.61 3.91
CA LYS D 173 3.33 -15.58 5.37
C LYS D 173 4.73 -16.18 5.55
N PRO D 174 5.45 -15.80 6.60
CA PRO D 174 5.05 -14.82 7.59
C PRO D 174 5.43 -13.33 7.32
N ASP D 175 5.53 -12.89 6.08
CA ASP D 175 5.64 -11.41 5.85
C ASP D 175 4.55 -10.65 6.67
N PRO D 176 4.95 -9.62 7.44
CA PRO D 176 4.01 -8.92 8.29
C PRO D 176 2.83 -8.28 7.50
N GLN D 177 3.07 -7.99 6.24
CA GLN D 177 2.11 -7.40 5.38
C GLN D 177 0.82 -8.26 5.20
N VAL D 178 0.93 -9.59 5.28
CA VAL D 178 -0.25 -10.49 5.28
C VAL D 178 -1.15 -10.19 6.47
N TYR D 179 -0.61 -10.27 7.67
CA TYR D 179 -1.40 -10.05 8.87
C TYR D 179 -1.95 -8.63 8.98
N LEU D 180 -1.10 -7.67 8.62
CA LEU D 180 -1.47 -6.29 8.65
C LEU D 180 -2.47 -5.93 7.55
N GLY D 181 -2.30 -6.44 6.37
CA GLY D 181 -3.28 -6.16 5.34
C GLY D 181 -4.69 -6.78 5.69
N ALA D 182 -4.69 -7.96 6.29
CA ALA D 182 -5.95 -8.62 6.75
C ALA D 182 -6.68 -7.76 7.75
N CYS D 183 -5.96 -7.19 8.75
CA CYS D 183 -6.61 -6.35 9.77
C CYS D 183 -7.11 -5.09 9.15
N ARG D 184 -6.42 -4.64 8.13
CA ARG D 184 -6.77 -3.42 7.46
C ARG D 184 -8.02 -3.66 6.62
N LEU D 185 -8.07 -4.73 5.82
CA LEU D 185 -9.32 -5.03 5.09
C LEU D 185 -10.51 -5.21 5.99
N LEU D 186 -10.33 -5.71 7.18
CA LEU D 186 -11.42 -5.98 8.06
C LEU D 186 -11.77 -4.78 8.87
N ASP D 187 -10.95 -3.77 8.71
CA ASP D 187 -11.03 -2.55 9.48
C ASP D 187 -11.02 -2.77 10.95
N LEU D 188 -10.16 -3.66 11.38
CA LEU D 188 -10.06 -3.96 12.79
C LEU D 188 -8.59 -3.78 13.22
N PRO D 189 -8.37 -3.29 14.45
CA PRO D 189 -7.00 -3.22 15.04
C PRO D 189 -6.55 -4.63 15.32
N PRO D 190 -5.26 -4.93 15.22
CA PRO D 190 -4.79 -6.27 15.47
C PRO D 190 -5.37 -6.95 16.70
N GLN D 191 -5.51 -6.18 17.76
CA GLN D 191 -5.92 -6.75 19.03
C GLN D 191 -7.36 -7.29 19.04
N GLU D 192 -8.17 -6.94 18.06
CA GLU D 192 -9.52 -7.44 17.94
C GLU D 192 -9.60 -8.61 16.91
N VAL D 193 -8.47 -9.19 16.55
CA VAL D 193 -8.39 -10.22 15.53
C VAL D 193 -7.53 -11.34 16.06
N LEU D 195 -5.72 -15.06 15.11
CA LEU D 195 -5.34 -16.01 14.12
C LEU D 195 -5.40 -17.39 14.77
N CYS D 196 -6.02 -18.35 14.07
CA CYS D 196 -6.05 -19.74 14.52
C CYS D 196 -5.21 -20.52 13.57
N ALA D 197 -4.20 -21.22 14.07
CA ALA D 197 -3.34 -22.07 13.17
C ALA D 197 -2.82 -23.31 13.89
N ALA D 198 -2.35 -24.25 13.12
CA ALA D 198 -1.74 -25.44 13.69
C ALA D 198 -0.22 -25.24 13.73
N HIS D 199 0.25 -24.06 13.29
CA HIS D 199 1.67 -23.82 13.03
C HIS D 199 2.20 -22.67 13.88
N ASN D 200 3.19 -22.96 14.71
CA ASN D 200 3.67 -21.98 15.64
C ASN D 200 4.26 -20.72 15.01
N TYR D 201 4.88 -20.87 13.85
CA TYR D 201 5.58 -19.73 13.21
C TYR D 201 4.52 -18.66 12.84
N ASP D 202 3.36 -19.16 12.37
CA ASP D 202 2.24 -18.30 11.96
C ASP D 202 1.79 -17.46 13.14
N LEU D 203 1.53 -18.11 14.26
CA LEU D 203 1.07 -17.41 15.49
C LEU D 203 2.18 -16.47 16.06
N LYS D 204 3.43 -16.85 15.88
CA LYS D 204 4.56 -16.02 16.36
C LYS D 204 4.60 -14.72 15.56
N ALA D 205 4.54 -14.80 14.25
CA ALA D 205 4.41 -13.56 13.43
C ALA D 205 3.18 -12.75 13.83
N ALA D 206 2.04 -13.42 13.98
CA ALA D 206 0.80 -12.70 14.32
C ALA D 206 0.88 -12.04 15.70
N ARG D 207 1.36 -12.78 16.69
CA ARG D 207 1.49 -12.18 18.03
C ARG D 207 2.44 -10.91 18.04
N ALA D 208 3.52 -10.99 17.28
CA ALA D 208 4.49 -9.88 17.18
C ALA D 208 3.76 -8.59 16.71
N LEU D 209 2.66 -8.76 15.92
CA LEU D 209 1.90 -7.65 15.40
C LEU D 209 0.71 -7.27 16.23
N GLY D 210 0.62 -7.80 17.43
CA GLY D 210 -0.46 -7.41 18.33
C GLY D 210 -1.76 -8.23 18.19
N LEU D 211 -1.77 -9.24 17.30
CA LEU D 211 -2.94 -10.15 17.15
C LEU D 211 -3.01 -11.22 18.23
N LYS D 212 -4.23 -11.62 18.58
CA LYS D 212 -4.45 -12.75 19.49
C LYS D 212 -4.15 -13.99 18.71
N THR D 213 -3.91 -15.10 19.44
CA THR D 213 -3.38 -16.33 18.85
C THR D 213 -4.19 -17.52 19.40
N ALA D 214 -4.41 -18.55 18.57
CA ALA D 214 -5.10 -19.79 19.00
C ALA D 214 -4.39 -20.93 18.32
N PHE D 215 -3.84 -21.85 19.13
CA PHE D 215 -3.14 -23.00 18.59
C PHE D 215 -4.00 -24.32 18.65
N ILE D 216 -3.90 -25.12 17.62
CA ILE D 216 -4.62 -26.36 17.51
C ILE D 216 -3.71 -27.30 16.81
N ALA D 217 -3.06 -28.19 17.58
CA ALA D 217 -2.11 -29.13 17.00
C ALA D 217 -2.84 -30.05 16.10
N ARG D 218 -2.14 -30.46 15.06
CA ARG D 218 -2.57 -31.36 14.05
C ARG D 218 -1.45 -32.39 13.76
N PRO D 219 -1.27 -33.40 14.70
CA PRO D 219 -0.11 -34.31 14.67
C PRO D 219 -0.03 -35.19 13.47
N LEU D 220 -1.15 -35.34 12.77
CA LEU D 220 -1.22 -36.27 11.68
C LEU D 220 -1.12 -35.56 10.38
N GLU D 221 -0.95 -34.23 10.43
CA GLU D 221 -0.85 -33.43 9.19
C GLU D 221 0.15 -33.99 8.21
N TYR D 222 1.38 -34.20 8.72
CA TYR D 222 2.54 -34.58 7.87
C TYR D 222 2.75 -36.09 7.73
N GLY D 223 2.05 -36.85 8.58
CA GLY D 223 2.04 -38.31 8.45
C GLY D 223 2.41 -38.96 9.76
N PRO D 224 2.54 -40.30 9.76
CA PRO D 224 3.05 -40.84 11.04
C PRO D 224 4.50 -40.39 11.33
N GLY D 225 5.29 -40.05 10.32
CA GLY D 225 6.58 -39.32 10.49
C GLY D 225 6.54 -38.05 11.38
N GLN D 226 5.70 -37.09 11.00
CA GLN D 226 5.60 -35.74 11.62
C GLN D 226 6.56 -35.38 12.75
N SER D 227 7.69 -34.76 12.38
CA SER D 227 8.57 -34.08 13.36
C SER D 227 8.14 -32.61 13.63
N GLN D 228 7.33 -32.04 12.72
CA GLN D 228 6.91 -30.63 12.71
C GLN D 228 5.72 -30.24 13.68
N ASP D 229 5.89 -29.25 14.55
CA ASP D 229 4.77 -28.62 15.35
C ASP D 229 3.79 -29.55 16.07
N LEU D 230 4.29 -30.35 17.00
CA LEU D 230 3.43 -31.26 17.74
C LEU D 230 2.90 -30.60 18.97
N ALA D 231 3.44 -29.43 19.29
CA ALA D 231 3.04 -28.72 20.49
C ALA D 231 3.20 -27.21 20.32
N ALA D 232 2.64 -26.45 21.28
CA ALA D 232 2.76 -24.99 21.31
C ALA D 232 4.22 -24.61 21.53
N GLU D 233 4.59 -23.35 21.25
CA GLU D 233 5.95 -22.84 21.57
C GLU D 233 5.88 -21.57 22.41
N GLN D 234 4.68 -21.09 22.68
CA GLN D 234 4.52 -19.94 23.53
C GLN D 234 3.16 -19.95 24.19
N ASP D 235 2.97 -19.09 25.20
CA ASP D 235 1.71 -19.02 25.91
C ASP D 235 0.70 -18.36 24.98
N TRP D 236 0.38 -19.07 23.89
CA TRP D 236 -0.62 -18.64 22.91
C TRP D 236 -1.92 -18.42 23.65
N ASP D 237 -2.62 -17.34 23.34
CA ASP D 237 -3.73 -16.93 24.14
C ASP D 237 -4.75 -18.05 24.42
N LEU D 238 -4.88 -18.97 23.44
CA LEU D 238 -5.70 -20.17 23.59
C LEU D 238 -5.01 -21.30 22.86
N ILE D 239 -5.11 -22.48 23.48
CA ILE D 239 -4.64 -23.75 22.94
C ILE D 239 -5.83 -24.73 22.97
N ALA D 240 -6.03 -25.46 21.88
CA ALA D 240 -7.25 -26.25 21.78
C ALA D 240 -7.01 -27.51 21.04
N SER D 241 -7.82 -28.52 21.35
CA SER D 241 -7.73 -29.80 20.71
C SER D 241 -8.30 -29.79 19.29
N ASP D 242 -9.29 -28.94 19.09
CA ASP D 242 -9.95 -28.89 17.80
C ASP D 242 -10.82 -27.66 17.81
N LEU D 243 -11.50 -27.38 16.70
CA LEU D 243 -12.30 -26.20 16.67
C LEU D 243 -13.44 -26.19 17.59
N LEU D 244 -13.99 -27.35 17.99
CA LEU D 244 -15.15 -27.33 18.93
C LEU D 244 -14.70 -26.90 20.31
N ASP D 245 -13.53 -27.40 20.68
CA ASP D 245 -12.87 -27.05 21.96
C ASP D 245 -12.49 -25.55 21.97
N LEU D 246 -12.08 -25.02 20.81
CA LEU D 246 -11.92 -23.57 20.62
C LEU D 246 -13.21 -22.79 20.82
N HIS D 247 -14.27 -23.19 20.12
CA HIS D 247 -15.58 -22.58 20.32
C HIS D 247 -15.99 -22.56 21.80
N ARG D 248 -15.83 -23.70 22.45
CA ARG D 248 -16.23 -23.81 23.85
C ARG D 248 -15.43 -22.80 24.67
N GLN D 249 -14.10 -22.81 24.52
CA GLN D 249 -13.24 -21.87 25.26
C GLN D 249 -13.62 -20.40 25.06
N LEU D 250 -14.13 -20.05 23.89
CA LEU D 250 -14.46 -18.66 23.61
C LEU D 250 -15.79 -18.28 24.18
N ALA D 251 -16.66 -19.27 24.40
CA ALA D 251 -17.96 -19.04 25.07
C ALA D 251 -17.80 -19.32 26.56
#